data_2NX9
#
_entry.id   2NX9
#
_cell.length_a   90.825
_cell.length_b   91.655
_cell.length_c   116.422
_cell.angle_alpha   90.00
_cell.angle_beta   90.00
_cell.angle_gamma   90.00
#
_symmetry.space_group_name_H-M   'P 21 21 21'
#
loop_
_entity.id
_entity.type
_entity.pdbx_description
1 polymer 'Oxaloacetate decarboxylase 2, subunit alpha'
2 non-polymer 'ZINC ION'
3 water water
#
_entity_poly.entity_id   1
_entity_poly.type   'polypeptide(L)'
_entity_poly.pdbx_seq_one_letter_code
;MTQAIKRVGVTDVVLRDAHQSLFATRLRIDDMLPIAQQLDQIGYWSLECWGGATFDSCIRFLGEDPWQRLRLLKQAMPNT
PLQMLLRGQNLLGYRHYADDVVDTFVERAVKNGMDVFRVFDAMNDVRNMQQALQAVKKMGAHAQGTLCYTTSPVHNLQTW
VDVAQQLAELGVDSIALKDMAGILTPYAAEELVSTLKKQVDVELHLHCHSTAGLADMTLLKAIEAGVDRVDTAISSMSGT
YGHPATESLVATLQGTGYDTGLDIAKLEQIAAYFRDVRKKYHAFEGMMKGSDARILVAQVPGGMLTNMESQLKQQNALDK
LDLVLEEIPRVREELGFLPLVTPTSQIVGTQAVINVVLGERYKTITKETSGVLKGEYGKTPAPVNTELQARVLAGAEAIT
CRPADLIAAEMPTLQDRVLQQAKEQHITLAENAIDDVLTIALFDQVGWKFLANRHNLEHHHHHH
;
_entity_poly.pdbx_strand_id   A,B
#
# COMPACT_ATOMS: atom_id res chain seq x y z
N ALA A 4 18.86 -7.81 19.86
CA ALA A 4 18.34 -7.16 21.10
C ALA A 4 17.35 -6.04 20.78
N ILE A 5 16.07 -6.30 21.06
CA ILE A 5 14.96 -5.42 20.74
C ILE A 5 15.04 -4.08 21.44
N LYS A 6 14.94 -2.99 20.67
CA LYS A 6 14.96 -1.64 21.25
C LYS A 6 14.12 -0.70 20.41
N ARG A 7 13.79 0.46 20.98
CA ARG A 7 13.05 1.48 20.27
C ARG A 7 13.60 1.75 18.86
N VAL A 8 12.71 1.62 17.87
CA VAL A 8 13.04 1.89 16.48
C VAL A 8 12.89 3.37 16.13
N GLY A 9 13.93 3.94 15.53
CA GLY A 9 13.95 5.34 15.15
C GLY A 9 13.32 5.60 13.81
N VAL A 10 12.61 6.73 13.72
CA VAL A 10 11.97 7.14 12.46
C VAL A 10 12.40 8.47 11.86
N THR A 11 12.78 8.43 10.59
CA THR A 11 13.03 9.61 9.76
C THR A 11 11.83 9.75 8.87
N ASP A 12 11.16 10.90 8.84
CA ASP A 12 10.08 11.07 7.83
C ASP A 12 10.60 11.65 6.52
N VAL A 13 10.21 11.05 5.39
CA VAL A 13 10.63 11.58 4.08
C VAL A 13 9.64 12.57 3.40
N VAL A 14 8.48 12.80 4.00
CA VAL A 14 7.45 13.71 3.46
C VAL A 14 8.02 14.98 2.78
N LEU A 15 9.00 15.63 3.39
CA LEU A 15 9.48 16.86 2.80
C LEU A 15 10.57 16.71 1.73
N ARG A 16 10.82 15.50 1.26
CA ARG A 16 11.75 15.28 0.17
C ARG A 16 11.38 14.14 -0.77
N ASP A 17 11.55 12.91 -0.31
CA ASP A 17 11.45 11.81 -1.25
C ASP A 17 9.98 11.51 -1.51
N ALA A 18 9.10 11.92 -0.66
CA ALA A 18 7.70 11.57 -0.88
C ALA A 18 7.12 12.31 -2.07
N HIS A 19 7.31 13.58 -2.03
CA HIS A 19 6.97 14.51 -3.12
C HIS A 19 7.79 14.30 -4.37
N GLN A 20 9.06 13.96 -4.22
CA GLN A 20 9.91 13.67 -5.38
C GLN A 20 9.30 12.47 -6.09
N SER A 21 8.86 11.50 -5.29
CA SER A 21 8.32 10.25 -5.80
C SER A 21 6.88 10.34 -6.20
N LEU A 22 6.12 11.15 -5.48
CA LEU A 22 4.66 11.23 -5.63
C LEU A 22 4.13 12.26 -6.67
N PHE A 23 4.79 13.39 -6.75
CA PHE A 23 4.35 14.46 -7.63
C PHE A 23 5.51 15.40 -8.00
N ALA A 24 6.48 14.78 -8.68
CA ALA A 24 7.56 15.47 -9.41
C ALA A 24 8.35 16.50 -8.68
N THR A 25 8.51 16.32 -7.36
CA THR A 25 9.33 17.23 -6.53
C THR A 25 8.84 18.67 -6.52
N ARG A 26 7.53 18.86 -6.74
CA ARG A 26 6.92 20.20 -6.87
C ARG A 26 6.45 20.84 -5.57
N LEU A 27 6.65 20.14 -4.44
CA LEU A 27 6.27 20.77 -3.17
C LEU A 27 7.05 22.04 -2.93
N ARG A 28 6.32 23.15 -2.81
CA ARG A 28 6.91 24.49 -2.60
C ARG A 28 7.08 24.70 -1.11
N ILE A 29 8.08 25.52 -0.73
CA ILE A 29 8.41 25.87 0.65
C ILE A 29 7.25 26.46 1.46
N ASP A 30 6.32 27.12 0.81
CA ASP A 30 5.18 27.76 1.47
C ASP A 30 4.08 26.75 1.76
N ASP A 31 4.23 25.57 1.20
CA ASP A 31 3.36 24.45 1.54
C ASP A 31 3.91 23.61 2.68
N MET A 32 5.17 23.86 3.04
CA MET A 32 5.92 23.15 4.09
C MET A 32 5.85 23.88 5.42
N LEU A 33 6.20 25.17 5.38
CA LEU A 33 6.36 25.98 6.59
C LEU A 33 5.17 26.09 7.54
N PRO A 34 3.93 26.08 7.03
CA PRO A 34 2.79 26.11 7.95
C PRO A 34 2.64 24.84 8.81
N ILE A 35 3.19 23.71 8.35
CA ILE A 35 3.15 22.45 9.13
C ILE A 35 4.50 22.06 9.76
N ALA A 36 5.48 22.95 9.67
CA ALA A 36 6.84 22.72 10.14
C ALA A 36 6.98 22.60 11.65
N GLN A 37 6.30 23.45 12.40
CA GLN A 37 6.39 23.34 13.84
C GLN A 37 5.83 21.99 14.32
N GLN A 38 4.86 21.41 13.60
CA GLN A 38 4.21 20.21 14.08
C GLN A 38 5.07 18.99 13.78
N LEU A 39 5.64 18.96 12.58
CA LEU A 39 6.71 18.03 12.23
C LEU A 39 7.89 18.01 13.21
N ASP A 40 8.22 19.15 13.81
CA ASP A 40 9.43 19.21 14.59
C ASP A 40 9.16 18.67 15.98
N GLN A 41 7.90 18.63 16.38
CA GLN A 41 7.59 18.25 17.75
C GLN A 41 7.29 16.75 17.88
N ILE A 42 7.30 16.03 16.76
CA ILE A 42 6.95 14.60 16.69
C ILE A 42 7.96 13.69 17.42
N GLY A 43 9.25 13.94 17.23
CA GLY A 43 10.30 13.07 17.80
C GLY A 43 10.93 12.13 16.79
N TYR A 44 10.86 12.52 15.52
CA TYR A 44 11.50 11.79 14.42
C TYR A 44 12.98 11.80 14.62
N TRP A 45 13.66 10.76 14.15
CA TRP A 45 15.12 10.68 14.31
C TRP A 45 15.73 11.81 13.48
N SER A 46 15.24 11.92 12.24
CA SER A 46 15.60 13.03 11.37
C SER A 46 14.47 13.34 10.41
N LEU A 47 14.48 14.56 9.87
CA LEU A 47 13.54 14.85 8.77
C LEU A 47 14.31 15.02 7.48
N GLU A 48 14.02 14.19 6.49
CA GLU A 48 14.71 14.27 5.20
C GLU A 48 14.09 15.45 4.49
N CYS A 49 14.85 16.47 4.18
CA CYS A 49 14.21 17.62 3.53
C CYS A 49 15.06 18.35 2.52
N TRP A 50 16.12 17.70 2.04
CA TRP A 50 16.95 18.32 1.04
C TRP A 50 17.70 17.32 0.18
N GLY A 51 18.24 17.80 -0.89
CA GLY A 51 19.10 17.07 -1.73
C GLY A 51 18.21 16.26 -2.63
N GLY A 52 18.74 15.20 -3.18
CA GLY A 52 17.96 14.49 -4.18
C GLY A 52 17.62 15.51 -5.26
N ALA A 53 16.44 15.41 -5.83
CA ALA A 53 16.01 16.28 -6.91
C ALA A 53 15.46 17.61 -6.48
N THR A 54 15.55 17.93 -5.22
CA THR A 54 14.97 19.17 -4.73
C THR A 54 15.77 20.38 -5.17
N PHE A 55 17.06 20.21 -5.46
CA PHE A 55 17.90 21.37 -5.87
C PHE A 55 17.51 21.73 -7.29
N ASP A 56 17.55 20.75 -8.20
CA ASP A 56 17.10 20.94 -9.58
C ASP A 56 15.66 21.46 -9.72
N SER A 57 14.72 20.92 -8.92
CA SER A 57 13.35 21.43 -8.87
C SER A 57 13.28 22.89 -8.40
N CYS A 58 13.89 23.19 -7.26
CA CYS A 58 13.93 24.55 -6.75
C CYS A 58 14.30 25.59 -7.80
N ILE A 59 15.35 25.32 -8.59
CA ILE A 59 15.90 26.33 -9.52
C ILE A 59 15.30 26.29 -10.90
N ARG A 60 14.69 25.17 -11.23
CA ARG A 60 14.23 24.94 -12.58
C ARG A 60 12.71 25.13 -12.71
N PHE A 61 11.95 24.84 -11.65
CA PHE A 61 10.49 24.86 -11.71
C PHE A 61 9.88 25.78 -10.67
N LEU A 62 10.54 25.95 -9.52
CA LEU A 62 9.89 26.55 -8.35
C LEU A 62 10.25 28.02 -8.09
N GLY A 63 11.34 28.47 -8.70
CA GLY A 63 11.86 29.82 -8.47
C GLY A 63 12.35 30.05 -7.06
N GLU A 64 12.81 28.96 -6.41
CA GLU A 64 13.30 29.02 -5.04
C GLU A 64 14.81 28.85 -5.07
N ASP A 65 15.51 29.56 -4.19
CA ASP A 65 16.92 29.29 -3.93
C ASP A 65 16.96 28.07 -3.00
N PRO A 66 17.63 27.00 -3.42
CA PRO A 66 17.72 25.78 -2.58
C PRO A 66 18.36 25.99 -1.21
N TRP A 67 19.32 26.90 -1.15
CA TRP A 67 20.06 27.28 0.07
C TRP A 67 19.22 28.14 1.04
N GLN A 68 18.44 29.05 0.48
CA GLN A 68 17.46 29.82 1.27
C GLN A 68 16.34 28.93 1.88
N ARG A 69 15.92 27.95 1.10
CA ARG A 69 14.98 26.88 1.53
C ARG A 69 15.47 26.12 2.76
N LEU A 70 16.67 25.58 2.65
CA LEU A 70 17.40 25.00 3.77
C LEU A 70 17.34 25.88 5.03
N ARG A 71 17.74 27.15 4.91
CA ARG A 71 17.76 28.05 6.07
C ARG A 71 16.36 28.31 6.60
N LEU A 72 15.38 28.30 5.71
CA LEU A 72 14.01 28.52 6.13
C LEU A 72 13.50 27.32 6.93
N LEU A 73 13.79 26.11 6.45
CA LEU A 73 13.44 24.87 7.17
C LEU A 73 14.05 24.71 8.56
N LYS A 74 15.33 25.05 8.66
CA LYS A 74 16.12 24.95 9.87
C LYS A 74 15.66 25.94 10.96
N GLN A 75 15.15 27.08 10.50
CA GLN A 75 14.54 28.05 11.37
C GLN A 75 13.15 27.56 11.75
N ALA A 76 12.41 26.99 10.80
CA ALA A 76 11.12 26.42 11.13
C ALA A 76 11.23 25.25 12.11
N MET A 77 12.36 24.54 12.05
CA MET A 77 12.49 23.25 12.76
C MET A 77 13.81 23.09 13.52
N PRO A 78 13.87 23.71 14.71
CA PRO A 78 15.02 23.73 15.59
C PRO A 78 15.37 22.39 16.26
N ASN A 79 14.43 21.45 16.38
CA ASN A 79 14.66 20.27 17.23
C ASN A 79 15.08 19.00 16.51
N THR A 80 14.66 18.85 15.27
CA THR A 80 14.84 17.61 14.55
C THR A 80 15.89 17.81 13.53
N PRO A 81 17.01 17.02 13.60
CA PRO A 81 18.06 17.04 12.59
C PRO A 81 17.50 16.83 11.22
N LEU A 82 18.05 17.62 10.26
CA LEU A 82 17.65 17.62 8.86
C LEU A 82 18.53 16.65 8.15
N GLN A 83 17.93 15.85 7.21
CA GLN A 83 18.70 14.90 6.44
C GLN A 83 18.64 15.27 4.99
N MET A 84 19.78 15.03 4.27
CA MET A 84 19.77 15.13 2.82
C MET A 84 20.29 13.85 2.18
N LEU A 85 19.93 13.69 0.90
CA LEU A 85 20.52 12.69 0.06
C LEU A 85 21.48 13.27 -0.98
N LEU A 86 22.73 12.83 -0.88
CA LEU A 86 23.82 13.37 -1.65
C LEU A 86 24.52 12.25 -2.38
N ARG A 87 24.69 12.41 -3.68
CA ARG A 87 25.21 11.34 -4.52
C ARG A 87 26.71 11.29 -4.62
N GLY A 88 27.37 11.37 -3.46
CA GLY A 88 28.80 11.19 -3.33
C GLY A 88 29.54 12.24 -4.11
N GLN A 89 30.49 11.77 -4.93
CA GLN A 89 31.38 12.62 -5.71
C GLN A 89 30.63 13.42 -6.77
N ASN A 90 29.40 12.99 -7.08
CA ASN A 90 28.57 13.68 -8.06
C ASN A 90 27.78 14.79 -7.43
N LEU A 91 27.78 14.83 -6.10
CA LEU A 91 27.00 15.81 -5.32
C LEU A 91 25.52 15.80 -5.69
N LEU A 92 24.99 16.91 -6.21
CA LEU A 92 23.60 16.94 -6.72
C LEU A 92 23.61 17.19 -8.23
N GLY A 93 24.81 17.05 -8.80
CA GLY A 93 25.11 17.39 -10.18
C GLY A 93 25.13 16.22 -11.13
N TYR A 94 25.72 16.44 -12.30
CA TYR A 94 25.63 15.55 -13.46
C TYR A 94 26.90 14.73 -13.73
N ARG A 95 28.01 15.09 -13.07
CA ARG A 95 29.30 14.46 -13.29
C ARG A 95 30.09 14.41 -11.98
N HIS A 96 31.18 13.66 -11.98
CA HIS A 96 32.14 13.70 -10.88
C HIS A 96 32.80 15.07 -10.79
N TYR A 97 32.87 15.61 -9.58
CA TYR A 97 33.53 16.89 -9.33
C TYR A 97 34.81 16.71 -8.54
N ALA A 98 35.72 17.66 -8.72
CA ALA A 98 36.94 17.75 -7.93
C ALA A 98 36.64 17.77 -6.43
N ASP A 99 37.63 17.35 -5.64
CA ASP A 99 37.48 17.24 -4.20
C ASP A 99 37.16 18.56 -3.53
N ASP A 100 37.76 19.65 -4.01
CA ASP A 100 37.49 20.95 -3.39
C ASP A 100 36.02 21.36 -3.52
N VAL A 101 35.39 21.00 -4.65
CA VAL A 101 33.96 21.25 -4.87
C VAL A 101 33.11 20.47 -3.84
N VAL A 102 33.43 19.18 -3.70
CA VAL A 102 32.82 18.31 -2.68
C VAL A 102 32.95 18.95 -1.30
N ASP A 103 34.17 19.38 -0.94
CA ASP A 103 34.45 19.90 0.41
C ASP A 103 33.72 21.20 0.68
N THR A 104 33.65 22.05 -0.34
CA THR A 104 32.99 23.35 -0.24
C THR A 104 31.50 23.16 -0.02
N PHE A 105 30.94 22.20 -0.75
CA PHE A 105 29.53 21.90 -0.71
C PHE A 105 29.01 21.42 0.64
N VAL A 106 29.84 20.66 1.36
CA VAL A 106 29.46 20.08 2.63
C VAL A 106 29.46 21.13 3.69
N GLU A 107 30.56 21.87 3.74
CA GLU A 107 30.67 23.05 4.57
C GLU A 107 29.44 23.92 4.46
N ARG A 108 29.23 24.47 3.27
CA ARG A 108 28.06 25.29 3.00
C ARG A 108 26.73 24.58 3.33
N ALA A 109 26.60 23.30 3.06
CA ALA A 109 25.35 22.66 3.42
C ALA A 109 25.14 22.62 4.92
N VAL A 110 26.22 22.44 5.66
CA VAL A 110 26.19 22.31 7.13
C VAL A 110 25.93 23.69 7.79
N LYS A 111 26.51 24.72 7.18
CA LYS A 111 26.39 26.10 7.61
C LYS A 111 24.98 26.59 7.45
N ASN A 112 24.39 26.24 6.31
CA ASN A 112 23.02 26.62 6.01
C ASN A 112 21.99 25.84 6.84
N GLY A 113 22.47 24.82 7.56
CA GLY A 113 21.65 24.16 8.58
C GLY A 113 21.50 22.65 8.48
N MET A 114 22.41 22.01 7.76
CA MET A 114 22.28 20.58 7.52
C MET A 114 23.06 19.65 8.45
N ASP A 115 22.36 18.65 8.95
CA ASP A 115 22.79 17.80 10.04
C ASP A 115 23.30 16.44 9.62
N VAL A 116 22.40 15.68 9.02
CA VAL A 116 22.64 14.32 8.59
C VAL A 116 22.71 14.27 7.05
N PHE A 117 23.67 13.49 6.55
CA PHE A 117 24.10 13.43 5.17
C PHE A 117 24.10 11.95 4.80
N ARG A 118 23.19 11.58 3.92
CA ARG A 118 23.10 10.22 3.36
C ARG A 118 23.78 10.26 2.03
N VAL A 119 24.97 9.61 2.00
CA VAL A 119 25.89 9.74 0.88
C VAL A 119 25.92 8.44 0.19
N PHE A 120 25.57 8.44 -1.13
CA PHE A 120 25.56 7.20 -1.88
C PHE A 120 26.36 7.28 -3.14
N ASP A 121 26.59 6.08 -3.74
CA ASP A 121 27.17 5.92 -5.06
C ASP A 121 26.40 4.83 -5.71
N ALA A 122 25.96 5.06 -6.98
CA ALA A 122 25.11 4.13 -7.71
C ALA A 122 25.76 2.80 -7.93
N MET A 123 27.13 2.69 -7.91
CA MET A 123 27.78 1.41 -8.18
C MET A 123 28.23 0.75 -6.89
N ASN A 124 27.99 1.45 -5.78
CA ASN A 124 28.50 1.11 -4.46
C ASN A 124 30.00 1.03 -4.42
N ASP A 125 30.64 1.84 -5.26
CA ASP A 125 32.07 1.94 -5.25
C ASP A 125 32.35 2.95 -4.15
N VAL A 126 32.84 2.44 -3.01
CA VAL A 126 32.99 3.25 -1.80
C VAL A 126 33.90 4.43 -2.00
N ARG A 127 34.78 4.37 -2.99
CA ARG A 127 35.73 5.48 -3.21
C ARG A 127 35.05 6.80 -3.60
N ASN A 128 33.96 6.70 -4.35
CA ASN A 128 33.18 7.85 -4.76
C ASN A 128 32.41 8.50 -3.59
N MET A 129 32.36 7.81 -2.44
CA MET A 129 31.62 8.25 -1.24
C MET A 129 32.55 8.86 -0.19
N GLN A 130 33.83 8.58 -0.36
CA GLN A 130 34.86 8.76 0.64
C GLN A 130 35.06 10.23 1.02
N GLN A 131 35.33 11.05 0.00
CA GLN A 131 35.58 12.49 0.22
C GLN A 131 34.42 13.23 0.92
N ALA A 132 33.21 12.98 0.45
CA ALA A 132 32.02 13.59 1.03
C ALA A 132 31.74 13.14 2.47
N LEU A 133 31.91 11.85 2.74
CA LEU A 133 31.81 11.29 4.09
C LEU A 133 32.89 11.94 4.96
N GLN A 134 34.11 11.95 4.44
CA GLN A 134 35.20 12.64 5.13
C GLN A 134 34.85 14.06 5.53
N ALA A 135 34.29 14.81 4.58
CA ALA A 135 34.01 16.21 4.84
C ALA A 135 32.81 16.39 5.74
N VAL A 136 31.83 15.49 5.61
CA VAL A 136 30.70 15.51 6.53
C VAL A 136 31.18 15.31 7.97
N LYS A 137 32.13 14.39 8.14
CA LYS A 137 32.69 14.07 9.45
C LYS A 137 33.54 15.24 9.91
N LYS A 138 34.21 15.88 8.95
CA LYS A 138 35.12 17.00 9.25
C LYS A 138 34.29 18.20 9.67
N MET A 139 33.06 18.31 9.15
CA MET A 139 32.18 19.42 9.50
C MET A 139 31.31 19.17 10.73
N GLY A 140 31.68 18.19 11.54
CA GLY A 140 30.95 17.85 12.76
C GLY A 140 29.57 17.24 12.48
N ALA A 141 29.25 17.07 11.21
CA ALA A 141 27.92 16.57 10.85
C ALA A 141 27.89 15.06 11.03
N HIS A 142 26.71 14.46 10.79
CA HIS A 142 26.50 13.00 10.84
C HIS A 142 26.53 12.28 9.48
N ALA A 143 27.57 11.49 9.26
CA ALA A 143 27.73 10.76 7.97
C ALA A 143 27.04 9.38 7.86
N GLN A 144 26.10 9.25 6.93
CA GLN A 144 25.48 7.98 6.66
C GLN A 144 25.85 7.45 5.29
N GLY A 145 26.66 6.35 5.29
CA GLY A 145 27.23 5.79 4.06
C GLY A 145 26.18 4.88 3.51
N THR A 146 26.14 4.63 2.17
CA THR A 146 24.93 3.95 1.64
C THR A 146 25.29 2.75 0.86
N LEU A 147 24.44 1.67 0.98
CA LEU A 147 24.48 0.54 0.06
C LEU A 147 23.23 0.66 -0.77
N CYS A 148 23.38 0.75 -2.14
CA CYS A 148 22.21 0.78 -3.01
C CYS A 148 21.84 -0.66 -3.38
N TYR A 149 20.70 -1.13 -2.87
CA TYR A 149 20.41 -2.52 -2.95
C TYR A 149 20.14 -2.84 -4.36
N THR A 150 20.64 -4.00 -4.76
CA THR A 150 20.33 -4.66 -6.04
C THR A 150 20.37 -6.19 -5.88
N THR A 151 19.96 -6.89 -6.94
CA THR A 151 20.02 -8.37 -7.02
C THR A 151 20.78 -8.73 -8.29
N SER A 152 21.68 -9.70 -8.21
CA SER A 152 22.47 -10.17 -9.37
C SER A 152 23.33 -11.39 -9.02
N PRO A 153 23.76 -12.14 -10.05
CA PRO A 153 24.64 -13.29 -9.94
C PRO A 153 25.94 -13.02 -9.21
N VAL A 154 26.33 -11.73 -9.09
CA VAL A 154 27.56 -11.29 -8.39
C VAL A 154 27.37 -10.43 -7.12
N HIS A 155 26.13 -10.25 -6.68
CA HIS A 155 25.88 -9.60 -5.40
C HIS A 155 25.37 -10.68 -4.45
N ASN A 156 25.99 -10.81 -3.29
CA ASN A 156 25.51 -11.80 -2.33
C ASN A 156 25.86 -11.29 -0.96
N LEU A 157 25.62 -12.08 0.08
CA LEU A 157 25.92 -11.69 1.45
C LEU A 157 27.37 -11.30 1.67
N GLN A 158 28.28 -12.03 1.00
CA GLN A 158 29.72 -11.75 1.15
C GLN A 158 30.06 -10.38 0.58
N THR A 159 29.60 -10.07 -0.63
CA THR A 159 29.83 -8.73 -1.20
C THR A 159 29.23 -7.58 -0.36
N TRP A 160 27.97 -7.71 0.06
CA TRP A 160 27.32 -6.68 0.88
C TRP A 160 28.07 -6.45 2.18
N VAL A 161 28.49 -7.52 2.85
CA VAL A 161 29.24 -7.34 4.10
C VAL A 161 30.55 -6.59 3.93
N ASP A 162 31.30 -6.88 2.85
CA ASP A 162 32.59 -6.23 2.64
C ASP A 162 32.50 -4.73 2.27
N VAL A 163 31.43 -4.32 1.60
CA VAL A 163 31.15 -2.89 1.33
C VAL A 163 30.81 -2.22 2.65
N ALA A 164 29.92 -2.85 3.39
CA ALA A 164 29.46 -2.32 4.65
C ALA A 164 30.67 -2.13 5.57
N GLN A 165 31.56 -3.13 5.60
CA GLN A 165 32.84 -3.05 6.35
C GLN A 165 33.75 -1.89 5.94
N GLN A 166 33.95 -1.69 4.64
CA GLN A 166 34.74 -0.58 4.11
C GLN A 166 34.21 0.74 4.61
N LEU A 167 32.89 0.89 4.63
CA LEU A 167 32.26 2.12 5.15
C LEU A 167 32.43 2.27 6.65
N ALA A 168 32.21 1.21 7.42
CA ALA A 168 32.52 1.28 8.86
C ALA A 168 33.96 1.73 9.10
N GLU A 169 34.86 1.29 8.22
CA GLU A 169 36.29 1.57 8.33
C GLU A 169 36.64 3.02 8.04
N LEU A 170 35.75 3.68 7.30
CA LEU A 170 35.88 5.09 6.95
C LEU A 170 35.42 5.99 8.08
N GLY A 171 34.94 5.39 9.16
CA GLY A 171 34.36 6.11 10.28
C GLY A 171 32.90 6.53 10.16
N VAL A 172 32.11 5.96 9.25
CA VAL A 172 30.75 6.46 9.11
C VAL A 172 29.97 6.35 10.39
N ASP A 173 28.90 7.18 10.50
CA ASP A 173 28.18 7.36 11.76
C ASP A 173 27.10 6.35 11.73
N SER A 174 26.62 6.01 10.49
CA SER A 174 25.71 4.88 10.28
C SER A 174 25.75 4.42 8.87
N ILE A 175 25.07 3.27 8.56
CA ILE A 175 24.95 2.81 7.17
C ILE A 175 23.50 2.71 6.77
N ALA A 176 23.18 3.24 5.55
CA ALA A 176 21.85 3.15 4.99
C ALA A 176 21.80 2.07 3.96
N LEU A 177 20.66 1.30 3.99
CA LEU A 177 20.37 0.31 2.95
C LEU A 177 19.22 0.85 2.17
N LYS A 178 19.44 1.18 0.85
CA LYS A 178 18.43 1.92 0.06
C LYS A 178 18.00 1.12 -1.13
N ASP A 179 16.69 0.84 -1.27
CA ASP A 179 16.09 0.05 -2.38
C ASP A 179 15.16 0.98 -3.17
N MET A 180 15.77 1.71 -4.09
CA MET A 180 15.12 2.74 -4.89
C MET A 180 13.97 2.15 -5.70
N ALA A 181 14.14 0.90 -6.12
CA ALA A 181 13.17 0.26 -7.01
C ALA A 181 12.01 -0.41 -6.28
N GLY A 182 12.22 -0.68 -4.99
CA GLY A 182 11.29 -1.43 -4.18
C GLY A 182 11.39 -2.91 -4.48
N ILE A 183 12.58 -3.43 -4.72
CA ILE A 183 12.72 -4.84 -5.16
C ILE A 183 13.15 -5.72 -4.02
N LEU A 184 13.51 -5.12 -2.85
CA LEU A 184 13.98 -5.87 -1.70
C LEU A 184 12.83 -6.54 -1.02
N THR A 185 12.81 -7.89 -1.13
CA THR A 185 11.76 -8.69 -0.47
C THR A 185 11.97 -8.74 1.00
N PRO A 186 10.88 -9.06 1.76
CA PRO A 186 10.86 -9.10 3.23
C PRO A 186 11.81 -10.11 3.78
N TYR A 187 11.88 -11.36 3.20
CA TYR A 187 12.78 -12.37 3.76
C TYR A 187 14.19 -12.12 3.36
N ALA A 188 14.42 -11.52 2.14
CA ALA A 188 15.77 -11.06 1.77
C ALA A 188 16.26 -9.96 2.66
N ALA A 189 15.37 -9.07 3.09
CA ALA A 189 15.70 -8.02 4.07
C ALA A 189 16.04 -8.61 5.42
N GLU A 190 15.30 -9.60 5.86
CA GLU A 190 15.55 -10.22 7.15
C GLU A 190 16.98 -10.79 7.21
N GLU A 191 17.37 -11.47 6.15
CA GLU A 191 18.66 -12.14 6.07
C GLU A 191 19.76 -11.11 5.97
N LEU A 192 19.64 -10.21 4.99
CA LEU A 192 20.66 -9.18 4.81
C LEU A 192 20.85 -8.34 6.06
N VAL A 193 19.78 -7.94 6.75
CA VAL A 193 19.98 -7.08 7.99
C VAL A 193 20.66 -7.88 9.12
N SER A 194 20.17 -9.09 9.37
CA SER A 194 20.69 -10.02 10.38
C SER A 194 22.17 -10.23 10.22
N THR A 195 22.54 -10.54 8.99
CA THR A 195 23.90 -10.75 8.55
C THR A 195 24.77 -9.52 8.79
N LEU A 196 24.33 -8.37 8.28
CA LEU A 196 25.03 -7.12 8.55
C LEU A 196 25.16 -6.83 10.04
N LYS A 197 24.15 -7.17 10.84
CA LYS A 197 24.25 -6.91 12.30
C LYS A 197 25.15 -7.94 13.02
N LYS A 198 25.52 -9.01 12.32
CA LYS A 198 26.41 -10.04 12.87
C LYS A 198 27.86 -9.71 12.56
N GLN A 199 28.07 -9.13 11.38
CA GLN A 199 29.41 -8.87 10.85
C GLN A 199 29.93 -7.44 11.06
N VAL A 200 29.06 -6.45 11.02
CA VAL A 200 29.51 -5.06 10.99
C VAL A 200 29.00 -4.29 12.21
N ASP A 201 29.91 -3.57 12.89
CA ASP A 201 29.53 -2.84 14.10
C ASP A 201 29.05 -1.40 13.82
N VAL A 202 27.96 -1.30 13.07
CA VAL A 202 27.34 0.01 12.75
C VAL A 202 25.83 0.00 12.93
N GLU A 203 25.28 1.18 13.23
CA GLU A 203 23.84 1.40 13.17
C GLU A 203 23.37 1.26 11.72
N LEU A 204 22.20 0.63 11.54
CA LEU A 204 21.60 0.37 10.24
C LEU A 204 20.27 1.12 10.03
N HIS A 205 20.06 1.62 8.83
CA HIS A 205 18.93 2.51 8.57
C HIS A 205 18.41 2.16 7.21
N LEU A 206 17.18 1.61 7.11
CA LEU A 206 16.57 1.11 5.87
C LEU A 206 15.62 2.09 5.13
N HIS A 207 15.73 2.09 3.78
CA HIS A 207 14.93 2.89 2.84
C HIS A 207 14.46 2.03 1.75
N CYS A 208 13.15 1.87 1.72
CA CYS A 208 12.49 1.02 0.71
CA CYS A 208 12.44 1.00 0.74
C CYS A 208 11.28 1.71 0.17
N HIS A 209 11.08 1.52 -1.17
CA HIS A 209 9.94 2.07 -1.91
C HIS A 209 8.86 1.05 -2.07
N SER A 210 7.59 1.54 -2.13
CA SER A 210 6.38 0.72 -2.13
C SER A 210 5.97 0.32 -3.48
N THR A 211 6.75 0.73 -4.53
CA THR A 211 6.37 0.62 -5.94
C THR A 211 5.96 -0.76 -6.37
N ALA A 212 6.56 -1.84 -5.78
CA ALA A 212 6.16 -3.18 -6.21
C ALA A 212 5.42 -3.91 -5.10
N GLY A 213 5.15 -3.18 -4.01
CA GLY A 213 4.29 -3.64 -2.93
C GLY A 213 4.94 -4.43 -1.81
N LEU A 214 6.23 -4.20 -1.55
CA LEU A 214 7.01 -5.13 -0.73
C LEU A 214 7.40 -4.40 0.50
N ALA A 215 7.37 -3.07 0.41
CA ALA A 215 7.99 -2.20 1.36
C ALA A 215 7.41 -2.21 2.74
N ASP A 216 6.11 -2.37 2.92
CA ASP A 216 5.58 -2.38 4.27
C ASP A 216 6.08 -3.66 4.97
N MET A 217 5.89 -4.81 4.31
CA MET A 217 6.36 -6.09 4.85
C MET A 217 7.86 -6.12 5.09
N THR A 218 8.66 -5.60 4.11
CA THR A 218 10.13 -5.45 4.21
C THR A 218 10.58 -4.69 5.41
N LEU A 219 10.03 -3.47 5.66
CA LEU A 219 10.46 -2.68 6.84
C LEU A 219 10.17 -3.45 8.12
N LEU A 220 9.05 -4.14 8.18
CA LEU A 220 8.68 -4.94 9.37
C LEU A 220 9.60 -6.13 9.58
N LYS A 221 9.92 -6.89 8.54
CA LYS A 221 10.95 -7.94 8.68
C LYS A 221 12.38 -7.44 9.01
N ALA A 222 12.77 -6.23 8.55
CA ALA A 222 14.05 -5.66 8.92
C ALA A 222 14.06 -5.22 10.37
N ILE A 223 12.94 -4.70 10.83
CA ILE A 223 12.82 -4.32 12.24
C ILE A 223 12.94 -5.60 13.11
N GLU A 224 12.27 -6.69 12.72
CA GLU A 224 12.44 -7.96 13.48
C GLU A 224 13.85 -8.57 13.47
N ALA A 225 14.61 -8.32 12.40
CA ALA A 225 16.05 -8.64 12.29
C ALA A 225 16.97 -7.60 12.92
N GLY A 226 16.40 -6.56 13.50
CA GLY A 226 17.19 -5.63 14.29
C GLY A 226 17.65 -4.32 13.66
N VAL A 227 17.11 -3.95 12.50
CA VAL A 227 17.38 -2.62 11.89
C VAL A 227 17.11 -1.49 12.89
N ASP A 228 18.04 -0.54 13.07
CA ASP A 228 17.91 0.53 14.06
C ASP A 228 16.89 1.57 13.63
N ARG A 229 16.75 1.77 12.32
CA ARG A 229 15.94 2.87 11.78
C ARG A 229 15.42 2.55 10.45
N VAL A 230 14.32 3.22 10.14
CA VAL A 230 13.61 3.06 8.90
C VAL A 230 13.19 4.47 8.40
N ASP A 231 12.94 4.60 7.10
CA ASP A 231 12.36 5.81 6.50
C ASP A 231 10.88 5.45 6.28
N THR A 232 9.96 6.36 6.60
CA THR A 232 8.53 6.24 6.30
C THR A 232 8.03 7.59 5.77
N ALA A 233 6.90 7.58 5.07
CA ALA A 233 6.24 8.88 4.75
C ALA A 233 4.91 9.07 5.51
N ILE A 234 4.54 10.32 5.87
CA ILE A 234 3.25 10.67 6.51
C ILE A 234 2.19 9.97 5.71
N SER A 235 1.17 9.39 6.35
CA SER A 235 0.18 8.55 5.64
C SER A 235 -0.34 9.11 4.34
N SER A 236 -0.82 10.35 4.35
CA SER A 236 -1.48 10.95 3.15
C SER A 236 -0.51 11.19 1.99
N MET A 237 0.78 11.16 2.34
CA MET A 237 1.87 11.32 1.41
C MET A 237 2.68 10.04 1.20
N SER A 238 2.02 8.88 1.25
CA SER A 238 2.72 7.55 1.21
C SER A 238 2.11 6.71 0.15
N GLY A 239 2.60 5.43 -0.01
CA GLY A 239 1.98 4.48 -0.94
C GLY A 239 2.52 4.63 -2.32
N THR A 240 2.08 3.71 -3.24
CA THR A 240 2.49 3.68 -4.66
C THR A 240 3.98 3.83 -4.89
N TYR A 241 4.35 4.97 -5.55
CA TYR A 241 5.71 5.26 -6.00
C TYR A 241 6.56 5.61 -4.82
N GLY A 242 5.91 5.93 -3.65
CA GLY A 242 6.66 6.39 -2.50
C GLY A 242 6.94 5.28 -1.55
N HIS A 243 6.45 5.43 -0.28
CA HIS A 243 7.04 4.71 0.87
C HIS A 243 5.90 4.24 1.81
N PRO A 244 6.20 3.35 2.81
CA PRO A 244 5.21 2.92 3.80
C PRO A 244 4.77 4.09 4.64
N ALA A 245 3.53 4.07 5.12
CA ALA A 245 3.05 5.16 6.00
C ALA A 245 3.67 5.10 7.36
N THR A 246 4.01 6.28 7.87
CA THR A 246 4.49 6.43 9.24
C THR A 246 3.56 5.92 10.33
N GLU A 247 2.32 6.41 10.32
CA GLU A 247 1.32 6.02 11.31
C GLU A 247 1.09 4.51 11.37
N SER A 248 1.09 3.88 10.19
CA SER A 248 0.85 2.47 10.05
C SER A 248 1.92 1.62 10.73
N LEU A 249 3.18 2.01 10.53
CA LEU A 249 4.30 1.32 11.16
C LEU A 249 4.42 1.78 12.63
N VAL A 250 3.97 3.00 12.90
CA VAL A 250 3.87 3.43 14.29
C VAL A 250 2.82 2.59 15.06
N ALA A 251 1.61 2.50 14.53
CA ALA A 251 0.54 1.66 15.11
C ALA A 251 1.00 0.21 15.35
N THR A 252 1.62 -0.39 14.35
CA THR A 252 2.19 -1.75 14.38
C THR A 252 3.16 -2.03 15.57
N LEU A 253 4.07 -1.10 15.83
CA LEU A 253 5.09 -1.30 16.87
C LEU A 253 4.68 -0.88 18.27
N GLN A 254 3.47 -0.35 18.38
CA GLN A 254 2.96 0.10 19.68
C GLN A 254 2.73 -1.08 20.59
N GLY A 255 3.16 -0.93 21.84
CA GLY A 255 3.09 -2.00 22.84
C GLY A 255 3.97 -3.21 22.57
N THR A 256 5.00 -3.04 21.74
CA THR A 256 6.02 -4.05 21.53
C THR A 256 7.30 -3.41 21.99
N GLY A 257 8.39 -4.17 22.04
CA GLY A 257 9.69 -3.60 22.40
C GLY A 257 10.26 -2.63 21.39
N TYR A 258 9.69 -2.59 20.19
CA TYR A 258 10.18 -1.71 19.15
C TYR A 258 9.52 -0.33 19.20
N ASP A 259 8.38 -0.23 19.90
CA ASP A 259 7.59 1.00 20.03
C ASP A 259 8.38 2.30 19.82
N THR A 260 8.13 2.96 18.69
CA THR A 260 8.79 4.22 18.34
C THR A 260 8.50 5.35 19.34
N GLY A 261 7.35 5.25 20.01
CA GLY A 261 6.88 6.28 20.90
C GLY A 261 6.28 7.48 20.17
N LEU A 262 5.95 7.32 18.90
CA LEU A 262 5.37 8.44 18.15
C LEU A 262 3.87 8.47 18.44
N ASP A 263 3.22 9.62 18.25
CA ASP A 263 1.82 9.77 18.62
C ASP A 263 0.93 9.80 17.41
N ILE A 264 0.17 8.73 17.22
CA ILE A 264 -0.73 8.59 16.09
C ILE A 264 -1.61 9.82 15.87
N ALA A 265 -2.16 10.35 16.97
CA ALA A 265 -3.02 11.55 16.93
C ALA A 265 -2.28 12.82 16.46
N LYS A 266 -1.09 13.07 17.01
CA LYS A 266 -0.27 14.20 16.57
C LYS A 266 0.20 14.00 15.14
N LEU A 267 0.31 12.75 14.69
CA LEU A 267 0.77 12.44 13.35
C LEU A 267 -0.34 12.57 12.33
N GLU A 268 -1.53 12.11 12.71
CA GLU A 268 -2.73 12.22 11.91
C GLU A 268 -3.09 13.67 11.61
N GLN A 269 -2.83 14.58 12.54
CA GLN A 269 -3.07 16.00 12.27
C GLN A 269 -2.23 16.51 11.09
N ILE A 270 -0.97 16.06 11.04
CA ILE A 270 -0.03 16.44 10.01
C ILE A 270 -0.47 15.79 8.70
N ALA A 271 -0.96 14.57 8.81
CA ALA A 271 -1.47 13.85 7.65
C ALA A 271 -2.67 14.59 7.04
N ALA A 272 -3.55 15.08 7.90
CA ALA A 272 -4.72 15.82 7.47
C ALA A 272 -4.28 17.05 6.71
N TYR A 273 -3.31 17.80 7.27
CA TYR A 273 -2.74 18.94 6.58
C TYR A 273 -2.24 18.57 5.18
N PHE A 274 -1.48 17.48 5.09
CA PHE A 274 -0.88 17.09 3.82
C PHE A 274 -1.86 16.51 2.83
N ARG A 275 -3.00 16.03 3.31
CA ARG A 275 -4.02 15.49 2.40
C ARG A 275 -4.61 16.62 1.56
N ASP A 276 -4.78 17.78 2.18
CA ASP A 276 -5.30 18.94 1.49
C ASP A 276 -4.24 19.45 0.51
N VAL A 277 -2.98 19.54 0.98
CA VAL A 277 -1.83 19.98 0.17
C VAL A 277 -1.58 19.09 -1.02
N ARG A 278 -1.60 17.78 -0.79
CA ARG A 278 -1.41 16.85 -1.89
C ARG A 278 -2.46 17.00 -3.00
N LYS A 279 -3.69 17.38 -2.64
CA LYS A 279 -4.76 17.61 -3.64
C LYS A 279 -4.38 18.66 -4.66
N LYS A 280 -3.76 19.75 -4.19
CA LYS A 280 -3.29 20.85 -5.04
C LYS A 280 -2.37 20.41 -6.18
N TYR A 281 -1.69 19.26 -5.99
CA TYR A 281 -0.62 18.82 -6.88
C TYR A 281 -1.00 17.67 -7.77
N HIS A 282 -2.30 17.42 -7.82
CA HIS A 282 -2.82 16.28 -8.53
C HIS A 282 -2.35 16.18 -9.97
N ALA A 283 -1.98 17.32 -10.55
CA ALA A 283 -1.56 17.37 -11.96
C ALA A 283 -0.22 16.63 -12.19
N PHE A 284 0.56 16.50 -11.13
CA PHE A 284 1.85 15.81 -11.24
C PHE A 284 1.85 14.32 -10.79
N GLU A 285 0.68 13.75 -10.45
CA GLU A 285 0.66 12.37 -9.95
C GLU A 285 0.78 11.36 -11.08
N GLY A 286 1.52 10.28 -10.85
CA GLY A 286 1.62 9.22 -11.83
C GLY A 286 0.30 8.51 -11.81
N MET A 287 0.12 7.64 -12.81
CA MET A 287 -1.11 6.96 -13.09
C MET A 287 -1.23 5.59 -12.44
N MET A 288 -0.22 5.15 -11.74
CA MET A 288 -0.33 3.79 -11.19
C MET A 288 -1.22 3.72 -9.95
N LYS A 289 -2.02 2.67 -9.88
CA LYS A 289 -2.85 2.42 -8.72
C LYS A 289 -2.45 1.07 -8.12
N GLY A 290 -2.34 1.04 -6.80
CA GLY A 290 -1.95 -0.18 -6.08
C GLY A 290 -0.44 -0.34 -6.13
N SER A 291 0.03 -1.43 -6.73
CA SER A 291 1.47 -1.62 -6.92
C SER A 291 1.66 -2.15 -8.33
N ASP A 292 2.91 -2.13 -8.77
CA ASP A 292 3.24 -2.50 -10.12
C ASP A 292 4.00 -3.81 -10.05
N ALA A 293 3.33 -4.85 -10.47
CA ALA A 293 3.86 -6.19 -10.49
C ALA A 293 4.93 -6.39 -11.55
N ARG A 294 4.96 -5.54 -12.57
CA ARG A 294 5.94 -5.68 -13.64
C ARG A 294 7.35 -5.73 -13.10
N ILE A 295 7.58 -4.92 -12.08
CA ILE A 295 8.85 -4.85 -11.45
C ILE A 295 9.23 -6.15 -10.78
N LEU A 296 8.22 -6.96 -10.43
CA LEU A 296 8.40 -8.19 -9.66
C LEU A 296 8.89 -9.29 -10.55
N VAL A 297 8.55 -9.14 -11.83
CA VAL A 297 8.85 -10.12 -12.83
C VAL A 297 10.36 -10.22 -13.11
N ALA A 298 11.02 -9.09 -13.34
CA ALA A 298 12.46 -9.11 -13.66
C ALA A 298 13.31 -7.98 -13.09
N GLN A 299 12.83 -7.33 -12.05
CA GLN A 299 13.60 -6.35 -11.29
C GLN A 299 13.95 -5.06 -12.03
N VAL A 300 13.26 -4.84 -13.14
CA VAL A 300 13.33 -3.56 -13.85
C VAL A 300 12.58 -2.54 -13.01
N PRO A 301 13.27 -1.47 -12.54
CA PRO A 301 12.53 -0.50 -11.75
C PRO A 301 11.49 0.29 -12.57
N GLY A 302 10.38 0.66 -11.93
CA GLY A 302 9.27 1.25 -12.68
C GLY A 302 9.69 2.54 -13.38
N GLY A 303 10.58 3.30 -12.76
CA GLY A 303 11.08 4.53 -13.39
C GLY A 303 11.87 4.29 -14.67
N MET A 304 12.53 3.13 -14.72
CA MET A 304 13.26 2.67 -15.88
C MET A 304 12.35 2.25 -17.03
N LEU A 305 11.31 1.49 -16.71
CA LEU A 305 10.34 1.08 -17.73
C LEU A 305 9.68 2.28 -18.40
N THR A 306 9.32 3.28 -17.60
CA THR A 306 8.71 4.52 -18.09
C THR A 306 9.64 5.16 -19.11
N ASN A 307 10.84 5.53 -18.66
CA ASN A 307 11.81 6.17 -19.54
C ASN A 307 12.08 5.41 -20.83
N MET A 308 12.09 4.09 -20.75
CA MET A 308 12.35 3.25 -21.91
C MET A 308 11.17 3.25 -22.88
N GLU A 309 9.95 3.20 -22.35
CA GLU A 309 8.74 3.19 -23.18
C GLU A 309 8.57 4.47 -23.97
N SER A 310 8.90 5.59 -23.34
CA SER A 310 8.88 6.92 -23.98
C SER A 310 9.76 6.93 -25.21
N GLN A 311 11.01 6.51 -25.04
CA GLN A 311 11.94 6.42 -26.16
C GLN A 311 11.41 5.52 -27.27
N LEU A 312 10.79 4.40 -26.88
CA LEU A 312 10.14 3.48 -27.81
C LEU A 312 8.86 4.03 -28.47
N LYS A 313 8.29 5.08 -27.85
CA LYS A 313 7.20 5.84 -28.46
C LYS A 313 7.77 6.77 -29.53
N GLN A 314 8.81 7.52 -29.17
CA GLN A 314 9.36 8.55 -30.03
C GLN A 314 10.28 8.01 -31.15
N GLN A 315 10.16 6.71 -31.42
CA GLN A 315 10.80 6.07 -32.56
C GLN A 315 9.73 5.30 -33.32
N ASN A 316 8.49 5.40 -32.83
CA ASN A 316 7.45 4.41 -33.09
C ASN A 316 7.96 3.00 -32.73
N ALA A 317 7.23 1.96 -33.13
CA ALA A 317 7.59 0.58 -32.80
C ALA A 317 7.66 0.35 -31.28
N LEU A 318 6.52 0.54 -30.63
CA LEU A 318 6.35 0.22 -29.22
C LEU A 318 6.18 -1.29 -29.06
N ASP A 319 5.94 -1.98 -30.17
CA ASP A 319 5.78 -3.44 -30.17
C ASP A 319 7.10 -4.17 -29.89
N LYS A 320 8.20 -3.45 -29.96
CA LYS A 320 9.53 -4.00 -29.69
C LYS A 320 9.90 -3.96 -28.21
N LEU A 321 8.93 -3.59 -27.36
CA LEU A 321 9.13 -3.46 -25.92
C LEU A 321 9.67 -4.76 -25.30
N ASP A 322 9.05 -5.89 -25.64
CA ASP A 322 9.43 -7.18 -25.09
C ASP A 322 10.88 -7.57 -25.44
N LEU A 323 11.34 -7.13 -26.61
CA LEU A 323 12.72 -7.37 -27.02
C LEU A 323 13.69 -6.53 -26.18
N VAL A 324 13.30 -5.28 -25.90
CA VAL A 324 14.06 -4.36 -25.05
C VAL A 324 14.19 -4.93 -23.64
N LEU A 325 13.10 -5.53 -23.16
CA LEU A 325 13.06 -6.12 -21.81
C LEU A 325 14.02 -7.29 -21.69
N GLU A 326 14.16 -8.05 -22.76
CA GLU A 326 15.10 -9.17 -22.79
C GLU A 326 16.52 -8.67 -23.01
N GLU A 327 16.65 -7.41 -23.41
CA GLU A 327 17.95 -6.85 -23.75
C GLU A 327 18.63 -6.31 -22.51
N ILE A 328 17.83 -5.76 -21.60
CA ILE A 328 18.33 -5.18 -20.35
C ILE A 328 19.26 -6.11 -19.56
N PRO A 329 18.83 -7.38 -19.31
CA PRO A 329 19.76 -8.26 -18.63
C PRO A 329 21.08 -8.47 -19.36
N ARG A 330 21.04 -8.62 -20.69
CA ARG A 330 22.25 -8.77 -21.51
C ARG A 330 23.17 -7.56 -21.37
N VAL A 331 22.63 -6.38 -21.64
CA VAL A 331 23.36 -5.12 -21.49
C VAL A 331 23.88 -4.91 -20.07
N ARG A 332 23.09 -5.32 -19.06
CA ARG A 332 23.49 -5.15 -17.64
C ARG A 332 24.71 -6.01 -17.29
N GLU A 333 24.71 -7.26 -17.76
CA GLU A 333 25.84 -8.14 -17.53
C GLU A 333 27.09 -7.57 -18.18
N GLU A 334 26.97 -7.13 -19.43
CA GLU A 334 28.10 -6.62 -20.19
C GLU A 334 28.75 -5.43 -19.51
N LEU A 335 27.95 -4.70 -18.74
CA LEU A 335 28.42 -3.53 -17.98
C LEU A 335 28.66 -3.87 -16.51
N GLY A 336 28.93 -5.16 -16.24
CA GLY A 336 29.41 -5.60 -14.93
C GLY A 336 28.41 -5.55 -13.82
N PHE A 337 27.15 -5.88 -14.15
CA PHE A 337 26.05 -5.99 -13.20
C PHE A 337 25.84 -4.78 -12.28
N LEU A 338 26.11 -3.58 -12.81
CA LEU A 338 25.81 -2.33 -12.08
C LEU A 338 24.36 -2.30 -11.59
N PRO A 339 24.13 -1.83 -10.35
CA PRO A 339 22.73 -1.73 -9.91
C PRO A 339 21.90 -0.89 -10.88
N LEU A 340 20.64 -1.26 -11.10
CA LEU A 340 19.73 -0.44 -11.88
C LEU A 340 19.10 0.61 -10.96
N VAL A 341 19.83 1.70 -10.84
CA VAL A 341 19.56 2.76 -9.89
C VAL A 341 19.89 4.03 -10.66
N THR A 342 19.18 5.12 -10.36
CA THR A 342 19.42 6.44 -10.96
C THR A 342 20.86 6.81 -10.66
N PRO A 343 21.65 7.20 -11.61
CA PRO A 343 21.28 7.50 -13.00
C PRO A 343 21.77 6.43 -13.97
N THR A 344 22.20 5.34 -13.45
CA THR A 344 22.78 4.21 -14.21
C THR A 344 21.75 3.43 -14.98
N SER A 345 20.54 3.35 -14.41
CA SER A 345 19.47 2.56 -15.01
C SER A 345 19.14 3.07 -16.41
N GLN A 346 19.11 4.40 -16.57
CA GLN A 346 18.91 5.10 -17.84
C GLN A 346 20.00 4.80 -18.88
N ILE A 347 21.24 4.61 -18.41
CA ILE A 347 22.34 4.20 -19.31
C ILE A 347 22.05 2.83 -19.92
N VAL A 348 21.69 1.87 -19.08
CA VAL A 348 21.39 0.50 -19.54
C VAL A 348 20.15 0.50 -20.42
N GLY A 349 19.15 1.29 -20.03
CA GLY A 349 17.87 1.33 -20.73
C GLY A 349 17.96 1.96 -22.11
N THR A 350 18.62 3.11 -22.19
CA THR A 350 18.82 3.79 -23.47
C THR A 350 19.57 2.89 -24.47
N GLN A 351 20.66 2.28 -24.01
CA GLN A 351 21.50 1.42 -24.83
C GLN A 351 20.75 0.18 -25.31
N ALA A 352 19.97 -0.43 -24.40
CA ALA A 352 19.20 -1.62 -24.74
C ALA A 352 18.14 -1.31 -25.78
N VAL A 353 17.56 -0.12 -25.71
CA VAL A 353 16.56 0.35 -26.67
C VAL A 353 17.21 0.57 -28.04
N ILE A 354 18.43 1.10 -28.02
CA ILE A 354 19.23 1.28 -29.23
C ILE A 354 19.61 -0.06 -29.86
N ASN A 355 20.04 -1.01 -29.05
CA ASN A 355 20.41 -2.35 -29.52
C ASN A 355 19.28 -3.09 -30.23
N VAL A 356 18.05 -2.86 -29.74
CA VAL A 356 16.86 -3.47 -30.31
C VAL A 356 16.36 -2.72 -31.56
N VAL A 357 16.22 -1.40 -31.45
CA VAL A 357 15.75 -0.56 -32.56
C VAL A 357 16.66 -0.65 -33.80
N LEU A 358 17.97 -0.53 -33.58
CA LEU A 358 18.92 -0.52 -34.70
C LEU A 358 19.20 -1.92 -35.28
N GLY A 359 18.68 -2.95 -34.63
CA GLY A 359 18.81 -4.33 -35.13
C GLY A 359 20.20 -4.91 -35.02
N GLU A 360 21.13 -4.15 -34.45
CA GLU A 360 22.52 -4.59 -34.28
C GLU A 360 23.00 -4.37 -32.85
N ARG A 361 23.52 -5.44 -32.26
CA ARG A 361 24.01 -5.34 -30.89
C ARG A 361 25.26 -4.47 -30.82
N TYR A 362 25.06 -3.27 -30.27
CA TYR A 362 26.11 -2.27 -30.04
C TYR A 362 26.64 -1.59 -31.29
N LYS A 363 25.77 -1.36 -32.28
CA LYS A 363 26.16 -0.65 -33.49
C LYS A 363 26.47 0.81 -33.15
N THR A 364 25.57 1.43 -32.40
CA THR A 364 25.78 2.79 -31.92
C THR A 364 25.87 2.74 -30.41
N ILE A 365 27.07 3.01 -29.88
CA ILE A 365 27.34 2.99 -28.44
C ILE A 365 27.30 4.41 -27.87
N THR A 366 26.46 4.61 -26.85
CA THR A 366 26.27 5.91 -26.20
C THR A 366 27.51 6.38 -25.46
N LYS A 367 27.61 7.69 -25.27
CA LYS A 367 28.69 8.27 -24.51
C LYS A 367 28.75 7.67 -23.10
N GLU A 368 27.58 7.30 -22.58
CA GLU A 368 27.44 6.81 -21.22
C GLU A 368 27.84 5.35 -21.08
N THR A 369 27.48 4.52 -22.07
CA THR A 369 27.87 3.11 -22.07
C THR A 369 29.39 3.02 -22.17
N SER A 370 29.98 3.84 -23.05
CA SER A 370 31.42 3.91 -23.21
C SER A 370 32.13 4.26 -21.89
N GLY A 371 31.68 5.31 -21.23
CA GLY A 371 32.25 5.76 -19.94
C GLY A 371 32.21 4.73 -18.82
N VAL A 372 31.15 3.93 -18.77
CA VAL A 372 31.07 2.83 -17.81
C VAL A 372 32.22 1.86 -18.05
N LEU A 373 32.40 1.46 -19.31
CA LEU A 373 33.45 0.53 -19.72
C LEU A 373 34.85 1.07 -19.45
N LYS A 374 35.08 2.33 -19.77
CA LYS A 374 36.39 2.96 -19.64
C LYS A 374 36.76 3.26 -18.17
N GLY A 375 35.87 2.91 -17.25
CA GLY A 375 36.11 3.09 -15.81
C GLY A 375 35.86 4.49 -15.28
N GLU A 376 35.15 5.32 -16.05
CA GLU A 376 34.94 6.75 -15.73
C GLU A 376 33.99 7.01 -14.57
N TYR A 377 33.23 5.98 -14.19
CA TYR A 377 32.24 6.07 -13.12
C TYR A 377 32.72 5.36 -11.86
N GLY A 378 33.85 4.66 -11.97
CA GLY A 378 34.36 3.85 -10.88
C GLY A 378 34.31 2.38 -11.24
N LYS A 379 34.42 1.54 -10.21
CA LYS A 379 34.46 0.10 -10.39
C LYS A 379 33.05 -0.45 -10.43
N THR A 380 32.76 -1.12 -11.52
CA THR A 380 31.56 -1.93 -11.63
C THR A 380 31.68 -3.14 -10.68
N PRO A 381 30.54 -3.72 -10.21
CA PRO A 381 30.59 -4.83 -9.25
C PRO A 381 31.37 -6.05 -9.75
N ALA A 382 31.21 -6.39 -11.03
CA ALA A 382 31.99 -7.44 -11.66
C ALA A 382 32.69 -6.81 -12.87
N PRO A 383 33.88 -7.30 -13.26
CA PRO A 383 34.55 -6.72 -14.44
C PRO A 383 33.61 -6.64 -15.65
N VAL A 384 33.61 -5.48 -16.31
CA VAL A 384 32.84 -5.28 -17.55
C VAL A 384 33.29 -6.24 -18.66
N ASN A 385 32.50 -6.35 -19.72
CA ASN A 385 32.89 -7.12 -20.91
C ASN A 385 34.14 -6.56 -21.59
N THR A 386 35.15 -7.39 -21.80
CA THR A 386 36.44 -6.95 -22.39
C THR A 386 36.34 -6.70 -23.89
N GLU A 387 35.50 -7.48 -24.57
CA GLU A 387 35.27 -7.35 -26.02
C GLU A 387 34.68 -5.99 -26.44
N LEU A 388 33.93 -5.36 -25.53
CA LEU A 388 33.34 -4.04 -25.78
C LEU A 388 34.18 -2.91 -25.21
N GLN A 389 34.86 -3.18 -24.10
CA GLN A 389 35.70 -2.18 -23.46
C GLN A 389 36.83 -1.76 -24.37
N ALA A 390 37.62 -2.74 -24.82
CA ALA A 390 38.74 -2.52 -25.74
C ALA A 390 38.28 -1.87 -27.05
N ARG A 391 37.03 -2.14 -27.42
CA ARG A 391 36.43 -1.60 -28.64
C ARG A 391 36.13 -0.10 -28.55
N VAL A 392 35.94 0.41 -27.33
CA VAL A 392 35.81 1.86 -27.12
C VAL A 392 37.07 2.48 -26.59
N LEU A 393 38.11 1.62 -26.32
CA LEU A 393 39.39 2.13 -25.82
C LEU A 393 40.30 2.38 -26.98
N ALA A 394 40.36 1.35 -27.90
CA ALA A 394 41.12 1.23 -29.18
C ALA A 394 42.22 2.24 -29.42
N GLY A 395 43.40 2.14 -28.71
CA GLY A 395 43.66 1.15 -27.67
C GLY A 395 44.27 1.83 -26.48
N ALA A 396 43.46 2.66 -25.75
CA ALA A 396 43.96 3.36 -24.55
C ALA A 396 43.88 2.46 -23.35
N GLU A 397 44.23 2.99 -22.13
CA GLU A 397 44.11 2.17 -20.92
C GLU A 397 42.80 2.47 -20.20
N ALA A 398 42.38 1.54 -19.34
CA ALA A 398 41.22 1.73 -18.51
C ALA A 398 41.58 2.60 -17.30
N ILE A 399 40.61 3.38 -16.85
CA ILE A 399 40.71 4.09 -15.58
C ILE A 399 40.35 3.06 -14.51
N THR A 400 41.28 2.79 -13.60
CA THR A 400 40.99 1.85 -12.53
C THR A 400 41.11 2.54 -11.18
N CYS A 401 41.44 3.81 -11.19
CA CYS A 401 41.50 4.59 -9.95
C CYS A 401 40.17 5.28 -9.71
N ARG A 402 40.03 5.93 -8.56
CA ARG A 402 38.90 6.79 -8.27
C ARG A 402 38.95 7.97 -9.26
N PRO A 403 37.97 8.05 -10.18
CA PRO A 403 37.97 9.05 -11.26
C PRO A 403 38.33 10.47 -10.83
N ALA A 404 38.03 10.81 -9.58
CA ALA A 404 38.30 12.14 -9.02
C ALA A 404 39.78 12.40 -8.74
N ASP A 405 40.60 11.35 -8.76
CA ASP A 405 42.05 11.52 -8.73
C ASP A 405 42.58 12.19 -10.02
N LEU A 406 41.82 12.05 -11.11
CA LEU A 406 42.20 12.54 -12.43
C LEU A 406 41.65 13.94 -12.77
N ILE A 407 40.84 14.51 -11.90
CA ILE A 407 40.27 15.83 -12.20
C ILE A 407 40.84 16.94 -11.32
N ALA A 408 41.28 18.01 -11.98
CA ALA A 408 41.95 19.12 -11.32
C ALA A 408 40.99 19.99 -10.52
N ALA A 409 41.52 20.57 -9.45
CA ALA A 409 40.78 21.51 -8.59
C ALA A 409 39.95 22.51 -9.40
N GLU A 410 38.71 22.72 -8.96
CA GLU A 410 37.77 23.54 -9.72
C GLU A 410 37.43 24.88 -9.05
N MET A 411 37.45 24.94 -7.72
CA MET A 411 36.83 26.07 -7.00
C MET A 411 37.34 27.48 -7.26
N PRO A 412 38.67 27.67 -7.41
CA PRO A 412 39.14 29.02 -7.71
C PRO A 412 38.89 29.50 -9.15
N THR A 413 39.00 28.59 -10.13
CA THR A 413 38.78 28.89 -11.55
C THR A 413 37.30 29.09 -11.83
N LEU A 414 36.47 28.37 -11.07
CA LEU A 414 35.03 28.48 -11.19
C LEU A 414 34.57 29.77 -10.52
N GLN A 415 35.02 30.00 -9.28
CA GLN A 415 34.76 31.23 -8.53
C GLN A 415 35.11 32.44 -9.38
N ASP A 416 36.10 32.24 -10.25
CA ASP A 416 36.59 33.26 -11.13
C ASP A 416 35.52 33.61 -12.15
N ARG A 417 35.14 32.62 -12.91
CA ARG A 417 34.16 32.74 -13.99
C ARG A 417 32.83 33.32 -13.52
N VAL A 418 32.39 32.87 -12.35
CA VAL A 418 31.05 33.22 -11.85
C VAL A 418 30.92 34.67 -11.45
N LEU A 419 31.89 35.20 -10.70
CA LEU A 419 31.85 36.59 -10.24
C LEU A 419 31.92 37.56 -11.42
N GLN A 420 32.70 37.19 -12.43
CA GLN A 420 32.88 38.04 -13.60
C GLN A 420 31.63 38.07 -14.44
N GLN A 421 31.12 36.87 -14.80
CA GLN A 421 29.92 36.76 -15.63
C GLN A 421 28.73 37.45 -14.96
N ALA A 422 28.55 37.20 -13.67
CA ALA A 422 27.49 37.83 -12.88
C ALA A 422 27.52 39.36 -13.01
N LYS A 423 28.70 39.95 -12.84
CA LYS A 423 28.89 41.39 -13.03
C LYS A 423 28.63 41.82 -14.47
N GLU A 424 29.17 41.05 -15.43
CA GLU A 424 28.97 41.29 -16.85
C GLU A 424 27.49 41.21 -17.25
N GLN A 425 26.76 40.29 -16.62
CA GLN A 425 25.34 40.08 -16.93
C GLN A 425 24.41 40.85 -16.01
N HIS A 426 25.01 41.64 -15.12
CA HIS A 426 24.25 42.43 -14.14
C HIS A 426 23.39 41.53 -13.25
N ILE A 427 23.97 40.43 -12.76
CA ILE A 427 23.28 39.51 -11.84
C ILE A 427 23.79 39.68 -10.41
N THR A 428 22.88 39.90 -9.47
CA THR A 428 23.25 40.05 -8.07
C THR A 428 23.42 38.70 -7.39
N LEU A 429 24.61 38.47 -6.83
CA LEU A 429 24.90 37.22 -6.16
C LEU A 429 24.50 37.28 -4.70
N ALA A 430 24.39 36.09 -4.08
CA ALA A 430 23.94 35.94 -2.70
C ALA A 430 24.93 36.56 -1.72
N GLU A 431 24.44 36.84 -0.52
CA GLU A 431 25.23 37.30 0.62
C GLU A 431 26.47 36.43 0.83
N ASN A 432 26.31 35.11 0.63
CA ASN A 432 27.43 34.20 0.58
C ASN A 432 27.61 33.74 -0.87
N ALA A 433 28.44 34.46 -1.61
CA ALA A 433 28.56 34.28 -3.06
C ALA A 433 28.90 32.84 -3.47
N ILE A 434 29.60 32.15 -2.58
CA ILE A 434 30.07 30.79 -2.85
C ILE A 434 28.91 29.82 -3.13
N ASP A 435 27.77 30.04 -2.46
CA ASP A 435 26.57 29.20 -2.63
C ASP A 435 26.05 29.23 -4.07
N ASP A 436 26.04 30.44 -4.66
CA ASP A 436 25.68 30.64 -6.06
C ASP A 436 26.72 30.03 -7.01
N VAL A 437 27.99 30.16 -6.67
CA VAL A 437 29.09 29.49 -7.40
C VAL A 437 28.85 27.97 -7.47
N LEU A 438 28.47 27.40 -6.33
CA LEU A 438 28.11 25.98 -6.21
C LEU A 438 26.90 25.56 -7.08
N THR A 439 25.86 26.38 -7.08
CA THR A 439 24.70 26.19 -7.97
C THR A 439 25.12 26.12 -9.44
N ILE A 440 26.04 27.00 -9.85
CA ILE A 440 26.49 27.05 -11.24
C ILE A 440 27.36 25.83 -11.58
N ALA A 441 28.15 25.39 -10.61
CA ALA A 441 28.96 24.19 -10.75
C ALA A 441 28.07 23.00 -11.09
N LEU A 442 26.96 22.89 -10.36
CA LEU A 442 26.10 21.72 -10.41
C LEU A 442 25.12 21.71 -11.57
N PHE A 443 24.68 22.91 -11.98
CA PHE A 443 23.57 23.03 -12.92
C PHE A 443 23.81 23.97 -14.07
N ASP A 444 24.98 24.62 -14.07
CA ASP A 444 25.45 25.35 -15.25
C ASP A 444 24.40 26.34 -15.79
N GLN A 445 24.02 26.21 -17.05
CA GLN A 445 23.06 27.14 -17.65
C GLN A 445 21.73 27.23 -16.90
N VAL A 446 21.22 26.08 -16.45
CA VAL A 446 20.01 26.06 -15.65
C VAL A 446 20.17 26.94 -14.42
N GLY A 447 21.35 26.86 -13.81
CA GLY A 447 21.65 27.69 -12.65
C GLY A 447 21.77 29.17 -13.01
N TRP A 448 22.30 29.46 -14.20
CA TRP A 448 22.48 30.84 -14.65
C TRP A 448 21.13 31.48 -14.92
N LYS A 449 20.22 30.71 -15.53
CA LYS A 449 18.86 31.20 -15.79
C LYS A 449 18.13 31.50 -14.50
N PHE A 450 18.26 30.60 -13.51
CA PHE A 450 17.72 30.85 -12.18
C PHE A 450 18.29 32.11 -11.51
N LEU A 451 19.60 32.30 -11.56
CA LEU A 451 20.21 33.44 -10.87
C LEU A 451 19.82 34.78 -11.50
N ALA A 452 19.77 34.79 -12.83
CA ALA A 452 19.33 35.96 -13.59
C ALA A 452 17.87 36.34 -13.27
N ASN A 453 17.04 35.37 -12.93
CA ASN A 453 15.63 35.63 -12.62
C ASN A 453 15.31 35.77 -11.14
N ARG A 454 16.28 35.50 -10.27
CA ARG A 454 16.03 35.48 -8.82
C ARG A 454 15.54 36.83 -8.31
N THR B 2 4.24 -23.70 17.97
CA THR B 2 4.03 -23.08 16.62
C THR B 2 3.32 -24.07 15.69
N GLN B 3 2.51 -23.51 14.80
CA GLN B 3 1.85 -24.30 13.75
C GLN B 3 2.91 -24.75 12.72
N ALA B 4 2.72 -25.97 12.20
CA ALA B 4 3.52 -26.50 11.09
C ALA B 4 3.46 -25.58 9.87
N ILE B 5 4.61 -25.44 9.21
CA ILE B 5 4.77 -24.59 8.04
C ILE B 5 4.35 -25.32 6.77
N LYS B 6 3.51 -24.67 5.99
CA LYS B 6 3.08 -25.25 4.72
C LYS B 6 2.58 -24.19 3.76
N ARG B 7 2.48 -24.57 2.50
CA ARG B 7 1.94 -23.74 1.45
C ARG B 7 0.65 -23.04 1.84
N VAL B 8 0.69 -21.72 1.69
CA VAL B 8 -0.44 -20.84 1.86
C VAL B 8 -1.39 -20.86 0.64
N GLY B 9 -2.69 -21.02 0.91
CA GLY B 9 -3.70 -20.90 -0.13
C GLY B 9 -4.04 -19.44 -0.38
N VAL B 10 -4.33 -19.10 -1.64
CA VAL B 10 -4.69 -17.70 -2.00
C VAL B 10 -6.09 -17.58 -2.59
N THR B 11 -6.90 -16.69 -2.02
CA THR B 11 -8.15 -16.31 -2.68
C THR B 11 -7.97 -14.91 -3.24
N ASP B 12 -8.13 -14.78 -4.55
CA ASP B 12 -8.15 -13.47 -5.19
C ASP B 12 -9.56 -12.84 -5.22
N VAL B 13 -9.69 -11.62 -4.70
CA VAL B 13 -11.03 -10.99 -4.63
C VAL B 13 -11.26 -9.95 -5.76
N VAL B 14 -10.52 -10.06 -6.85
CA VAL B 14 -10.55 -9.05 -7.94
C VAL B 14 -11.96 -8.93 -8.60
N LEU B 15 -12.70 -10.03 -8.60
CA LEU B 15 -14.01 -10.02 -9.20
C LEU B 15 -15.11 -9.67 -8.24
N ARG B 16 -14.79 -9.28 -6.96
CA ARG B 16 -15.88 -8.91 -6.06
C ARG B 16 -15.48 -7.77 -5.18
N ASP B 17 -14.68 -8.09 -4.13
CA ASP B 17 -14.40 -7.12 -3.09
C ASP B 17 -13.46 -6.08 -3.57
N ALA B 18 -12.56 -6.39 -4.51
CA ALA B 18 -11.65 -5.34 -4.97
C ALA B 18 -12.40 -4.15 -5.58
N HIS B 19 -13.25 -4.42 -6.55
CA HIS B 19 -13.94 -3.32 -7.23
C HIS B 19 -15.15 -2.85 -6.45
N GLN B 20 -15.68 -3.66 -5.53
CA GLN B 20 -16.67 -3.15 -4.57
C GLN B 20 -16.04 -2.05 -3.74
N SER B 21 -14.80 -2.29 -3.38
CA SER B 21 -14.05 -1.43 -2.48
C SER B 21 -13.49 -0.23 -3.22
N LEU B 22 -13.19 -0.42 -4.50
CA LEU B 22 -12.36 0.58 -5.18
C LEU B 22 -13.11 1.46 -6.18
N PHE B 23 -14.13 0.89 -6.85
CA PHE B 23 -14.98 1.66 -7.75
C PHE B 23 -16.46 1.25 -7.71
N ALA B 24 -17.06 1.40 -6.53
CA ALA B 24 -18.52 1.37 -6.37
C ALA B 24 -19.19 0.12 -6.93
N THR B 25 -18.43 -0.97 -6.95
CA THR B 25 -18.95 -2.28 -7.37
C THR B 25 -19.45 -2.26 -8.82
N ARG B 26 -18.84 -1.45 -9.68
CA ARG B 26 -19.34 -1.30 -11.05
C ARG B 26 -18.76 -2.22 -12.13
N LEU B 27 -17.81 -3.08 -11.79
CA LEU B 27 -17.19 -3.92 -12.81
C LEU B 27 -18.23 -4.78 -13.55
N ARG B 28 -18.28 -4.61 -14.87
CA ARG B 28 -19.25 -5.33 -15.69
C ARG B 28 -18.71 -6.70 -16.07
N ILE B 29 -19.64 -7.62 -16.35
CA ILE B 29 -19.33 -8.99 -16.82
C ILE B 29 -18.47 -9.03 -18.10
N ASP B 30 -18.65 -8.05 -18.96
CA ASP B 30 -18.00 -8.00 -20.26
C ASP B 30 -16.54 -7.65 -20.09
N ASP B 31 -16.23 -7.06 -18.94
CA ASP B 31 -14.86 -6.78 -18.57
C ASP B 31 -14.23 -7.93 -17.77
N MET B 32 -15.05 -8.85 -17.29
CA MET B 32 -14.60 -10.02 -16.48
C MET B 32 -14.25 -11.20 -17.37
N LEU B 33 -15.14 -11.52 -18.31
CA LEU B 33 -14.99 -12.70 -19.14
C LEU B 33 -13.75 -12.83 -20.04
N PRO B 34 -13.19 -11.70 -20.56
CA PRO B 34 -11.99 -11.91 -21.38
C PRO B 34 -10.70 -12.22 -20.58
N ILE B 35 -10.72 -12.11 -19.26
CA ILE B 35 -9.56 -12.50 -18.47
C ILE B 35 -9.86 -13.80 -17.71
N ALA B 36 -11.08 -14.31 -17.87
CA ALA B 36 -11.53 -15.39 -17.01
C ALA B 36 -10.71 -16.69 -17.12
N GLN B 37 -10.34 -17.08 -18.32
CA GLN B 37 -9.56 -18.31 -18.50
C GLN B 37 -8.16 -18.20 -17.85
N GLN B 38 -7.50 -17.07 -18.04
CA GLN B 38 -6.25 -16.79 -17.34
C GLN B 38 -6.36 -16.85 -15.81
N LEU B 39 -7.42 -16.28 -15.24
CA LEU B 39 -7.67 -16.37 -13.78
C LEU B 39 -7.83 -17.81 -13.33
N ASP B 40 -8.60 -18.58 -14.12
CA ASP B 40 -8.84 -19.99 -13.84
C ASP B 40 -7.57 -20.88 -13.91
N GLN B 41 -6.57 -20.44 -14.66
CA GLN B 41 -5.34 -21.22 -14.78
C GLN B 41 -4.29 -20.92 -13.70
N ILE B 42 -4.56 -19.96 -12.82
CA ILE B 42 -3.61 -19.56 -11.76
C ILE B 42 -3.39 -20.65 -10.69
N GLY B 43 -4.47 -21.31 -10.25
CA GLY B 43 -4.37 -22.24 -9.13
C GLY B 43 -4.72 -21.56 -7.81
N TYR B 44 -5.60 -20.58 -7.88
CA TYR B 44 -6.17 -20.00 -6.69
C TYR B 44 -6.97 -21.06 -5.94
N TRP B 45 -7.00 -20.91 -4.63
CA TRP B 45 -7.81 -21.74 -3.78
C TRP B 45 -9.28 -21.50 -4.06
N SER B 46 -9.64 -20.26 -4.39
CA SER B 46 -11.00 -19.86 -4.82
C SER B 46 -10.91 -18.45 -5.41
N LEU B 47 -11.91 -18.05 -6.20
CA LEU B 47 -12.07 -16.68 -6.70
C LEU B 47 -13.40 -16.12 -6.23
N GLU B 48 -13.31 -15.03 -5.37
CA GLU B 48 -14.51 -14.35 -4.80
C GLU B 48 -15.11 -13.56 -5.91
N CYS B 49 -16.33 -13.92 -6.36
CA CYS B 49 -16.87 -13.37 -7.62
C CYS B 49 -18.35 -13.10 -7.52
N TRP B 50 -18.90 -13.13 -6.30
CA TRP B 50 -20.36 -13.01 -6.10
C TRP B 50 -20.73 -12.66 -4.68
N GLY B 51 -21.97 -12.24 -4.47
CA GLY B 51 -22.38 -11.76 -3.17
C GLY B 51 -21.82 -10.40 -2.86
N GLY B 52 -21.81 -10.06 -1.58
CA GLY B 52 -21.57 -8.68 -1.21
C GLY B 52 -22.61 -7.81 -1.89
N ALA B 53 -22.15 -6.70 -2.46
CA ALA B 53 -23.05 -5.72 -3.08
C ALA B 53 -23.22 -5.92 -4.59
N THR B 54 -22.60 -6.95 -5.16
CA THR B 54 -22.68 -7.22 -6.60
C THR B 54 -24.11 -7.47 -7.11
N PHE B 55 -24.90 -8.25 -6.36
CA PHE B 55 -26.30 -8.58 -6.71
C PHE B 55 -27.05 -7.26 -6.89
N ASP B 56 -27.06 -6.44 -5.85
CA ASP B 56 -27.58 -5.09 -5.89
C ASP B 56 -27.07 -4.28 -7.10
N SER B 57 -25.75 -4.15 -7.23
CA SER B 57 -25.15 -3.41 -8.35
C SER B 57 -25.59 -3.96 -9.71
N CYS B 58 -25.61 -5.28 -9.86
CA CYS B 58 -26.11 -5.88 -11.10
C CYS B 58 -27.48 -5.33 -11.49
N ILE B 59 -28.44 -5.38 -10.56
CA ILE B 59 -29.84 -5.05 -10.88
C ILE B 59 -30.14 -3.56 -10.79
N ARG B 60 -29.42 -2.85 -9.93
CA ARG B 60 -29.67 -1.44 -9.66
C ARG B 60 -28.88 -0.49 -10.57
N PHE B 61 -27.72 -0.92 -11.09
CA PHE B 61 -26.90 -0.07 -11.95
C PHE B 61 -26.46 -0.62 -13.31
N LEU B 62 -26.34 -1.93 -13.44
CA LEU B 62 -25.61 -2.50 -14.58
C LEU B 62 -26.46 -3.16 -15.64
N GLY B 63 -27.73 -3.36 -15.33
CA GLY B 63 -28.63 -4.11 -16.20
C GLY B 63 -28.17 -5.53 -16.47
N GLU B 64 -27.56 -6.16 -15.45
CA GLU B 64 -27.19 -7.58 -15.49
C GLU B 64 -28.07 -8.42 -14.55
N ASP B 65 -28.40 -9.62 -14.99
CA ASP B 65 -29.01 -10.62 -14.10
C ASP B 65 -27.90 -11.30 -13.26
N PRO B 66 -27.95 -11.12 -11.91
CA PRO B 66 -26.91 -11.68 -11.01
C PRO B 66 -26.77 -13.19 -11.13
N TRP B 67 -27.91 -13.89 -11.17
CA TRP B 67 -27.87 -15.30 -11.41
C TRP B 67 -27.15 -15.58 -12.72
N GLN B 68 -27.46 -14.84 -13.79
CA GLN B 68 -26.84 -15.11 -15.10
C GLN B 68 -25.33 -14.84 -15.10
N ARG B 69 -24.89 -13.85 -14.34
CA ARG B 69 -23.47 -13.54 -14.23
C ARG B 69 -22.75 -14.79 -13.74
N LEU B 70 -23.18 -15.28 -12.58
CA LEU B 70 -22.68 -16.52 -11.98
C LEU B 70 -22.54 -17.67 -12.97
N ARG B 71 -23.57 -17.92 -13.78
CA ARG B 71 -23.53 -18.99 -14.78
C ARG B 71 -22.45 -18.76 -15.83
N LEU B 72 -22.28 -17.50 -16.24
CA LEU B 72 -21.27 -17.14 -17.23
C LEU B 72 -19.86 -17.26 -16.65
N LEU B 73 -19.73 -16.89 -15.38
CA LEU B 73 -18.48 -17.00 -14.66
C LEU B 73 -18.10 -18.48 -14.44
N LYS B 74 -19.11 -19.32 -14.17
CA LYS B 74 -18.84 -20.70 -13.88
C LYS B 74 -18.47 -21.39 -15.19
N GLN B 75 -19.24 -21.12 -16.24
CA GLN B 75 -18.89 -21.55 -17.59
C GLN B 75 -17.45 -21.21 -17.96
N ALA B 76 -17.06 -19.96 -17.70
CA ALA B 76 -15.77 -19.46 -18.14
C ALA B 76 -14.63 -19.89 -17.24
N MET B 77 -14.94 -20.23 -15.99
CA MET B 77 -13.91 -20.67 -15.05
C MET B 77 -14.21 -22.03 -14.42
N PRO B 78 -14.10 -23.11 -15.23
CA PRO B 78 -14.43 -24.48 -14.83
C PRO B 78 -13.58 -25.11 -13.71
N ASN B 79 -12.32 -24.69 -13.58
CA ASN B 79 -11.36 -25.36 -12.70
C ASN B 79 -11.10 -24.72 -11.32
N THR B 80 -11.66 -23.54 -11.08
CA THR B 80 -11.44 -22.86 -9.80
C THR B 80 -12.77 -22.72 -9.05
N PRO B 81 -12.80 -23.13 -7.77
CA PRO B 81 -13.97 -22.93 -6.92
C PRO B 81 -14.39 -21.46 -6.90
N LEU B 82 -15.68 -21.19 -7.09
CA LEU B 82 -16.18 -19.83 -6.99
C LEU B 82 -16.60 -19.58 -5.55
N GLN B 83 -16.49 -18.33 -5.12
CA GLN B 83 -16.68 -17.96 -3.74
C GLN B 83 -17.56 -16.71 -3.67
N MET B 84 -18.40 -16.66 -2.63
CA MET B 84 -19.27 -15.50 -2.40
C MET B 84 -19.26 -15.07 -0.94
N LEU B 85 -19.72 -13.84 -0.71
CA LEU B 85 -19.94 -13.33 0.63
C LEU B 85 -21.43 -13.33 0.88
N LEU B 86 -21.85 -13.94 2.00
CA LEU B 86 -23.28 -14.06 2.34
C LEU B 86 -23.55 -13.68 3.81
N ARG B 87 -24.43 -12.71 4.04
CA ARG B 87 -24.71 -12.21 5.40
C ARG B 87 -25.68 -13.08 6.25
N GLY B 88 -25.43 -14.39 6.30
CA GLY B 88 -26.25 -15.29 7.09
C GLY B 88 -27.73 -15.21 6.75
N GLN B 89 -28.55 -14.96 7.76
CA GLN B 89 -29.99 -14.97 7.60
C GLN B 89 -30.49 -13.85 6.69
N ASN B 90 -29.67 -12.83 6.55
CA ASN B 90 -30.00 -11.66 5.78
C ASN B 90 -29.74 -11.88 4.33
N LEU B 91 -29.20 -13.05 4.00
CA LEU B 91 -28.68 -13.35 2.67
C LEU B 91 -27.98 -12.11 2.06
N LEU B 92 -28.44 -11.67 0.88
CA LEU B 92 -27.94 -10.44 0.27
C LEU B 92 -28.98 -9.32 0.39
N GLY B 93 -29.95 -9.54 1.29
CA GLY B 93 -31.07 -8.63 1.45
C GLY B 93 -31.07 -7.70 2.65
N TYR B 94 -32.25 -7.11 2.88
CA TYR B 94 -32.43 -5.97 3.77
C TYR B 94 -32.98 -6.34 5.18
N ARG B 95 -33.19 -7.63 5.42
CA ARG B 95 -33.78 -8.09 6.69
C ARG B 95 -33.51 -9.57 6.86
N HIS B 96 -33.88 -10.10 8.02
CA HIS B 96 -33.89 -11.54 8.27
C HIS B 96 -34.95 -12.19 7.39
N TYR B 97 -34.60 -13.28 6.70
CA TYR B 97 -35.56 -14.02 5.88
C TYR B 97 -35.90 -15.34 6.55
N ALA B 98 -36.96 -16.00 6.08
CA ALA B 98 -37.35 -17.29 6.64
C ALA B 98 -36.42 -18.40 6.16
N ASP B 99 -36.19 -19.38 7.02
CA ASP B 99 -35.35 -20.54 6.70
C ASP B 99 -35.55 -21.11 5.29
N ASP B 100 -36.79 -21.21 4.82
CA ASP B 100 -37.04 -21.81 3.51
C ASP B 100 -36.44 -20.98 2.36
N VAL B 101 -36.40 -19.66 2.56
CA VAL B 101 -35.75 -18.71 1.64
C VAL B 101 -34.23 -18.91 1.65
N VAL B 102 -33.65 -19.00 2.85
CA VAL B 102 -32.23 -19.27 3.02
C VAL B 102 -31.86 -20.58 2.33
N ASP B 103 -32.61 -21.63 2.64
CA ASP B 103 -32.35 -22.93 2.03
C ASP B 103 -32.42 -22.86 0.51
N THR B 104 -33.40 -22.12 0.02
CA THR B 104 -33.72 -22.02 -1.40
C THR B 104 -32.63 -21.24 -2.13
N PHE B 105 -32.20 -20.15 -1.51
CA PHE B 105 -31.15 -19.33 -2.07
C PHE B 105 -29.87 -20.14 -2.25
N VAL B 106 -29.49 -20.86 -1.20
CA VAL B 106 -28.22 -21.58 -1.17
C VAL B 106 -28.25 -22.66 -2.25
N GLU B 107 -29.36 -23.37 -2.36
CA GLU B 107 -29.50 -24.41 -3.38
C GLU B 107 -29.40 -23.81 -4.78
N ARG B 108 -29.98 -22.64 -4.94
CA ARG B 108 -29.96 -21.97 -6.23
C ARG B 108 -28.57 -21.40 -6.55
N ALA B 109 -27.91 -20.87 -5.54
CA ALA B 109 -26.53 -20.41 -5.70
C ALA B 109 -25.62 -21.54 -6.18
N VAL B 110 -25.77 -22.72 -5.57
CA VAL B 110 -24.93 -23.89 -5.87
C VAL B 110 -25.22 -24.46 -7.27
N LYS B 111 -26.51 -24.53 -7.62
CA LYS B 111 -26.91 -25.06 -8.92
C LYS B 111 -26.55 -24.10 -10.05
N ASN B 112 -26.34 -22.83 -9.73
CA ASN B 112 -25.88 -21.89 -10.73
C ASN B 112 -24.34 -21.92 -10.86
N GLY B 113 -23.68 -22.35 -9.79
CA GLY B 113 -22.24 -22.64 -9.86
C GLY B 113 -21.42 -22.16 -8.66
N MET B 114 -22.09 -21.78 -7.58
CA MET B 114 -21.39 -21.37 -6.38
C MET B 114 -20.79 -22.57 -5.64
N ASP B 115 -19.54 -22.44 -5.23
CA ASP B 115 -18.83 -23.53 -4.57
C ASP B 115 -18.47 -23.25 -3.10
N VAL B 116 -18.11 -22.00 -2.78
CA VAL B 116 -17.67 -21.65 -1.43
C VAL B 116 -18.50 -20.48 -0.89
N PHE B 117 -19.00 -20.62 0.33
CA PHE B 117 -19.84 -19.58 0.93
C PHE B 117 -19.21 -19.05 2.20
N ARG B 118 -18.68 -17.84 2.13
CA ARG B 118 -18.20 -17.15 3.33
C ARG B 118 -19.42 -16.52 3.99
N VAL B 119 -19.89 -17.15 5.05
CA VAL B 119 -21.14 -16.75 5.70
C VAL B 119 -20.82 -15.95 6.95
N PHE B 120 -21.42 -14.77 7.10
CA PHE B 120 -21.09 -13.93 8.25
C PHE B 120 -22.28 -13.30 8.92
N ASP B 121 -22.04 -12.79 10.13
CA ASP B 121 -23.00 -11.97 10.83
C ASP B 121 -22.26 -10.85 11.54
N ALA B 122 -22.79 -9.63 11.35
CA ALA B 122 -22.15 -8.40 11.82
C ALA B 122 -21.92 -8.36 13.33
N MET B 123 -22.66 -9.17 14.07
CA MET B 123 -22.57 -9.17 15.54
C MET B 123 -21.79 -10.37 16.06
N ASN B 124 -21.48 -11.28 15.13
CA ASN B 124 -20.85 -12.56 15.47
C ASN B 124 -21.77 -13.47 16.29
N ASP B 125 -23.07 -13.31 16.03
CA ASP B 125 -24.08 -14.20 16.57
C ASP B 125 -24.24 -15.40 15.63
N VAL B 126 -23.72 -16.53 16.09
CA VAL B 126 -23.61 -17.76 15.30
C VAL B 126 -24.96 -18.33 14.81
N ARG B 127 -26.01 -18.05 15.56
CA ARG B 127 -27.37 -18.53 15.27
C ARG B 127 -27.95 -17.92 13.98
N ASN B 128 -27.45 -16.73 13.63
CA ASN B 128 -27.80 -16.05 12.38
C ASN B 128 -27.10 -16.67 11.17
N MET B 129 -25.96 -17.29 11.42
CA MET B 129 -25.14 -17.95 10.40
C MET B 129 -25.53 -19.43 10.19
N GLN B 130 -26.11 -20.02 11.24
CA GLN B 130 -26.42 -21.46 11.32
C GLN B 130 -27.19 -22.05 10.13
N GLN B 131 -28.33 -21.47 9.78
CA GLN B 131 -29.15 -22.01 8.68
C GLN B 131 -28.45 -22.03 7.34
N ALA B 132 -27.80 -20.92 6.98
CA ALA B 132 -27.06 -20.86 5.72
C ALA B 132 -25.91 -21.87 5.71
N LEU B 133 -25.12 -21.90 6.78
CA LEU B 133 -24.00 -22.86 6.89
C LEU B 133 -24.50 -24.30 6.71
N GLN B 134 -25.55 -24.64 7.44
CA GLN B 134 -26.16 -25.97 7.40
C GLN B 134 -26.64 -26.30 5.99
N ALA B 135 -27.24 -25.31 5.32
CA ALA B 135 -27.74 -25.49 3.96
C ALA B 135 -26.62 -25.66 2.95
N VAL B 136 -25.52 -24.92 3.16
CA VAL B 136 -24.30 -25.03 2.34
C VAL B 136 -23.78 -26.47 2.39
N LYS B 137 -23.58 -26.96 3.61
CA LYS B 137 -23.15 -28.34 3.87
C LYS B 137 -24.01 -29.38 3.14
N LYS B 138 -25.33 -29.26 3.27
CA LYS B 138 -26.29 -30.16 2.63
C LYS B 138 -26.11 -30.27 1.10
N MET B 139 -25.76 -29.14 0.48
CA MET B 139 -25.52 -29.09 -0.96
C MET B 139 -24.17 -29.65 -1.38
N GLY B 140 -23.30 -29.93 -0.40
CA GLY B 140 -21.95 -30.44 -0.67
C GLY B 140 -20.99 -29.34 -1.04
N ALA B 141 -21.37 -28.11 -0.72
CA ALA B 141 -20.53 -26.94 -0.98
C ALA B 141 -19.72 -26.64 0.27
N HIS B 142 -18.80 -25.69 0.15
CA HIS B 142 -17.91 -25.34 1.25
C HIS B 142 -18.44 -24.21 2.14
N ALA B 143 -18.55 -24.51 3.43
CA ALA B 143 -19.10 -23.57 4.42
C ALA B 143 -18.03 -22.93 5.27
N GLN B 144 -17.74 -21.67 4.98
CA GLN B 144 -16.76 -20.92 5.74
C GLN B 144 -17.55 -19.97 6.62
N GLY B 145 -17.58 -20.25 7.92
CA GLY B 145 -18.21 -19.38 8.89
C GLY B 145 -17.22 -18.28 9.15
N THR B 146 -17.68 -17.16 9.70
CA THR B 146 -16.85 -15.96 9.73
C THR B 146 -16.84 -15.33 11.10
N LEU B 147 -15.67 -14.83 11.50
CA LEU B 147 -15.53 -13.96 12.66
C LEU B 147 -15.27 -12.57 12.11
N CYS B 148 -16.13 -11.62 12.46
CA CYS B 148 -15.92 -10.21 12.11
C CYS B 148 -15.10 -9.55 13.19
N TYR B 149 -13.85 -9.22 12.87
CA TYR B 149 -12.93 -8.69 13.86
C TYR B 149 -13.28 -7.30 14.40
N THR B 150 -13.02 -7.09 15.69
CA THR B 150 -13.20 -5.81 16.36
C THR B 150 -12.31 -5.74 17.61
N THR B 151 -12.12 -4.53 18.14
CA THR B 151 -11.38 -4.33 19.39
C THR B 151 -12.36 -3.72 20.41
N SER B 152 -12.46 -4.35 21.58
CA SER B 152 -13.34 -3.85 22.65
C SER B 152 -12.91 -4.35 24.04
N PRO B 153 -13.47 -3.75 25.11
CA PRO B 153 -13.11 -4.22 26.45
C PRO B 153 -13.69 -5.60 26.78
N VAL B 154 -14.65 -6.06 25.99
CA VAL B 154 -15.24 -7.39 26.17
C VAL B 154 -14.82 -8.42 25.10
N HIS B 155 -13.95 -8.01 24.18
CA HIS B 155 -13.39 -8.90 23.15
C HIS B 155 -11.94 -9.26 23.50
N ASN B 156 -11.60 -10.53 23.35
CA ASN B 156 -10.28 -11.07 23.69
C ASN B 156 -10.07 -12.47 23.13
N LEU B 157 -8.89 -13.03 23.36
CA LEU B 157 -8.52 -14.32 22.78
C LEU B 157 -9.49 -15.44 23.10
N GLN B 158 -9.87 -15.58 24.37
CA GLN B 158 -10.81 -16.62 24.80
C GLN B 158 -12.17 -16.42 24.14
N THR B 159 -12.58 -15.16 23.98
CA THR B 159 -13.86 -14.84 23.35
C THR B 159 -13.89 -15.17 21.86
N TRP B 160 -12.79 -14.90 21.15
CA TRP B 160 -12.68 -15.30 19.74
C TRP B 160 -12.60 -16.81 19.64
N VAL B 161 -11.89 -17.44 20.57
CA VAL B 161 -11.82 -18.89 20.64
C VAL B 161 -13.23 -19.49 20.77
N ASP B 162 -14.00 -18.95 21.71
CA ASP B 162 -15.40 -19.33 21.93
C ASP B 162 -16.23 -19.30 20.67
N VAL B 163 -16.20 -18.17 19.95
CA VAL B 163 -16.96 -18.02 18.73
C VAL B 163 -16.52 -19.04 17.68
N ALA B 164 -15.21 -19.13 17.48
CA ALA B 164 -14.61 -20.10 16.54
C ALA B 164 -14.99 -21.53 16.92
N GLN B 165 -14.95 -21.81 18.23
CA GLN B 165 -15.39 -23.11 18.75
C GLN B 165 -16.87 -23.38 18.50
N GLN B 166 -17.71 -22.36 18.68
CA GLN B 166 -19.14 -22.46 18.37
C GLN B 166 -19.34 -22.85 16.90
N LEU B 167 -18.55 -22.26 16.02
CA LEU B 167 -18.64 -22.53 14.59
C LEU B 167 -18.12 -23.92 14.24
N ALA B 168 -17.05 -24.30 14.92
CA ALA B 168 -16.44 -25.63 14.78
C ALA B 168 -17.49 -26.69 15.11
N GLU B 169 -18.22 -26.47 16.20
CA GLU B 169 -19.29 -27.38 16.62
C GLU B 169 -20.42 -27.53 15.58
N LEU B 170 -20.65 -26.48 14.78
CA LEU B 170 -21.60 -26.57 13.66
C LEU B 170 -21.05 -27.36 12.47
N GLY B 171 -19.77 -27.69 12.51
CA GLY B 171 -19.14 -28.45 11.43
C GLY B 171 -18.73 -27.64 10.20
N VAL B 172 -18.38 -26.37 10.39
CA VAL B 172 -17.90 -25.55 9.28
C VAL B 172 -16.67 -26.19 8.67
N ASP B 173 -16.42 -25.90 7.40
CA ASP B 173 -15.36 -26.50 6.66
C ASP B 173 -14.07 -25.69 6.87
N SER B 174 -14.26 -24.44 7.24
CA SER B 174 -13.15 -23.53 7.54
C SER B 174 -13.76 -22.31 8.22
N ILE B 175 -12.90 -21.44 8.75
CA ILE B 175 -13.34 -20.25 9.44
C ILE B 175 -12.57 -19.05 8.87
N ALA B 176 -13.31 -18.04 8.38
CA ALA B 176 -12.69 -16.79 7.96
C ALA B 176 -12.56 -15.81 9.11
N LEU B 177 -11.41 -15.14 9.19
CA LEU B 177 -11.28 -13.96 10.04
C LEU B 177 -11.37 -12.72 9.13
N LYS B 178 -12.28 -11.80 9.44
CA LYS B 178 -12.61 -10.73 8.49
C LYS B 178 -12.47 -9.35 9.11
N ASP B 179 -11.50 -8.59 8.60
CA ASP B 179 -11.27 -7.23 9.05
C ASP B 179 -11.65 -6.27 7.92
N MET B 180 -12.91 -5.88 7.95
CA MET B 180 -13.50 -4.99 6.96
C MET B 180 -12.94 -3.56 7.09
N ALA B 181 -12.60 -3.16 8.31
CA ALA B 181 -12.18 -1.78 8.59
C ALA B 181 -10.70 -1.52 8.36
N GLY B 182 -9.89 -2.57 8.49
CA GLY B 182 -8.43 -2.45 8.36
C GLY B 182 -7.72 -2.12 9.66
N ILE B 183 -8.35 -2.49 10.79
CA ILE B 183 -7.86 -2.14 12.13
C ILE B 183 -7.02 -3.24 12.79
N LEU B 184 -7.03 -4.43 12.21
CA LEU B 184 -6.26 -5.58 12.72
C LEU B 184 -4.78 -5.34 12.50
N THR B 185 -4.08 -5.03 13.59
CA THR B 185 -2.64 -4.81 13.57
C THR B 185 -1.92 -6.15 13.32
N PRO B 186 -0.69 -6.10 12.77
CA PRO B 186 0.12 -7.31 12.54
C PRO B 186 0.34 -8.19 13.79
N TYR B 187 0.64 -7.58 14.94
CA TYR B 187 0.94 -8.40 16.11
C TYR B 187 -0.30 -8.94 16.81
N ALA B 188 -1.40 -8.20 16.72
CA ALA B 188 -2.66 -8.69 17.25
C ALA B 188 -3.07 -9.88 16.42
N ALA B 189 -2.86 -9.79 15.11
CA ALA B 189 -3.14 -10.89 14.19
C ALA B 189 -2.22 -12.09 14.48
N GLU B 190 -0.98 -11.82 14.87
CA GLU B 190 -0.06 -12.91 15.18
C GLU B 190 -0.56 -13.68 16.40
N GLU B 191 -0.83 -12.95 17.47
CA GLU B 191 -1.44 -13.47 18.70
C GLU B 191 -2.74 -14.22 18.45
N LEU B 192 -3.67 -13.61 17.72
CA LEU B 192 -4.99 -14.21 17.49
C LEU B 192 -4.96 -15.47 16.64
N VAL B 193 -4.21 -15.43 15.55
CA VAL B 193 -4.03 -16.56 14.67
C VAL B 193 -3.32 -17.72 15.41
N SER B 194 -2.24 -17.40 16.13
CA SER B 194 -1.56 -18.38 16.98
C SER B 194 -2.53 -19.11 17.91
N THR B 195 -3.38 -18.34 18.59
CA THR B 195 -4.33 -18.88 19.54
C THR B 195 -5.39 -19.75 18.90
N LEU B 196 -5.90 -19.32 17.75
CA LEU B 196 -6.95 -20.06 17.04
C LEU B 196 -6.46 -21.36 16.41
N LYS B 197 -5.27 -21.32 15.82
CA LYS B 197 -4.67 -22.53 15.22
C LYS B 197 -4.34 -23.56 16.29
N LYS B 198 -4.03 -23.10 17.50
CA LYS B 198 -3.69 -24.00 18.59
C LYS B 198 -4.93 -24.57 19.30
N GLN B 199 -5.99 -23.77 19.41
CA GLN B 199 -7.13 -24.15 20.22
C GLN B 199 -8.36 -24.67 19.45
N VAL B 200 -8.46 -24.32 18.17
CA VAL B 200 -9.60 -24.75 17.36
C VAL B 200 -9.08 -25.49 16.12
N ASP B 201 -9.66 -26.65 15.86
CA ASP B 201 -9.16 -27.58 14.83
C ASP B 201 -9.80 -27.35 13.45
N VAL B 202 -9.58 -26.18 12.87
CA VAL B 202 -10.13 -25.85 11.56
C VAL B 202 -9.13 -25.00 10.77
N GLU B 203 -9.26 -25.05 9.44
CA GLU B 203 -8.53 -24.13 8.57
C GLU B 203 -8.96 -22.70 8.86
N LEU B 204 -7.97 -21.79 8.90
CA LEU B 204 -8.19 -20.37 9.10
C LEU B 204 -7.87 -19.60 7.81
N HIS B 205 -8.72 -18.62 7.49
CA HIS B 205 -8.66 -17.86 6.25
C HIS B 205 -8.75 -16.38 6.62
N LEU B 206 -7.76 -15.57 6.22
CA LEU B 206 -7.76 -14.15 6.58
C LEU B 206 -8.16 -13.29 5.43
N HIS B 207 -9.00 -12.26 5.80
CA HIS B 207 -9.33 -11.11 4.96
C HIS B 207 -9.10 -9.83 5.70
N CYS B 208 -8.24 -8.95 5.16
CA CYS B 208 -7.90 -7.66 5.78
CA CYS B 208 -7.89 -7.62 5.75
C CYS B 208 -7.93 -6.59 4.72
N HIS B 209 -8.48 -5.39 5.02
CA HIS B 209 -8.44 -4.24 4.12
C HIS B 209 -7.24 -3.37 4.37
N SER B 210 -6.71 -2.75 3.27
CA SER B 210 -5.50 -1.95 3.30
C SER B 210 -5.76 -0.58 3.77
N THR B 211 -7.03 -0.22 4.05
CA THR B 211 -7.48 1.16 4.26
C THR B 211 -6.60 1.99 5.22
N ALA B 212 -6.21 1.40 6.35
CA ALA B 212 -5.37 2.05 7.36
C ALA B 212 -3.87 1.73 7.26
N GLY B 213 -3.45 1.10 6.17
CA GLY B 213 -2.04 0.78 5.97
C GLY B 213 -1.48 -0.44 6.67
N LEU B 214 -2.34 -1.30 7.21
CA LEU B 214 -1.86 -2.40 8.09
C LEU B 214 -1.86 -3.75 7.39
N ALA B 215 -2.65 -3.89 6.34
CA ALA B 215 -2.99 -5.19 5.79
C ALA B 215 -1.82 -6.04 5.25
N ASP B 216 -0.88 -5.42 4.55
CA ASP B 216 0.31 -6.12 4.02
C ASP B 216 1.08 -6.81 5.16
N MET B 217 1.41 -6.01 6.16
CA MET B 217 2.14 -6.49 7.35
C MET B 217 1.31 -7.53 8.13
N THR B 218 0.02 -7.26 8.27
CA THR B 218 -0.92 -8.16 8.95
C THR B 218 -1.00 -9.52 8.27
N LEU B 219 -1.10 -9.55 6.95
CA LEU B 219 -1.14 -10.83 6.23
C LEU B 219 0.12 -11.65 6.45
N LEU B 220 1.28 -10.98 6.47
CA LEU B 220 2.57 -11.65 6.66
C LEU B 220 2.72 -12.23 8.07
N LYS B 221 2.44 -11.42 9.08
CA LYS B 221 2.50 -11.87 10.46
C LYS B 221 1.47 -13.00 10.73
N ALA B 222 0.27 -12.91 10.14
CA ALA B 222 -0.71 -13.99 10.20
C ALA B 222 -0.20 -15.27 9.57
N ILE B 223 0.46 -15.15 8.41
CA ILE B 223 1.06 -16.31 7.73
C ILE B 223 2.13 -16.98 8.61
N GLU B 224 2.97 -16.17 9.26
CA GLU B 224 4.01 -16.66 10.16
C GLU B 224 3.43 -17.37 11.36
N ALA B 225 2.17 -17.06 11.68
CA ALA B 225 1.49 -17.60 12.87
C ALA B 225 0.68 -18.82 12.52
N GLY B 226 0.66 -19.16 11.24
CA GLY B 226 0.11 -20.42 10.79
C GLY B 226 -1.20 -20.35 10.05
N VAL B 227 -1.63 -19.15 9.64
CA VAL B 227 -2.91 -19.02 8.94
C VAL B 227 -2.87 -19.89 7.66
N ASP B 228 -3.98 -20.52 7.32
CA ASP B 228 -3.98 -21.43 6.17
C ASP B 228 -4.13 -20.71 4.83
N ARG B 229 -4.94 -19.64 4.84
CA ARG B 229 -5.27 -18.92 3.61
C ARG B 229 -5.39 -17.42 3.84
N VAL B 230 -5.13 -16.66 2.77
CA VAL B 230 -5.35 -15.22 2.75
C VAL B 230 -6.13 -14.84 1.49
N ASP B 231 -6.80 -13.70 1.57
CA ASP B 231 -7.47 -13.06 0.43
C ASP B 231 -6.54 -11.98 -0.08
N THR B 232 -6.35 -11.89 -1.39
CA THR B 232 -5.57 -10.78 -1.96
C THR B 232 -6.27 -10.27 -3.20
N ALA B 233 -5.78 -9.16 -3.75
CA ALA B 233 -6.34 -8.60 -4.99
C ALA B 233 -5.21 -8.43 -5.99
N ILE B 234 -5.45 -8.87 -7.22
CA ILE B 234 -4.57 -8.56 -8.35
C ILE B 234 -4.06 -7.12 -8.24
N SER B 235 -2.76 -6.96 -8.40
CA SER B 235 -2.07 -5.72 -8.00
C SER B 235 -2.67 -4.43 -8.51
N SER B 236 -3.02 -4.36 -9.79
CA SER B 236 -3.60 -3.14 -10.37
C SER B 236 -4.97 -2.83 -9.79
N MET B 237 -5.55 -3.85 -9.11
CA MET B 237 -6.81 -3.73 -8.40
C MET B 237 -6.66 -3.80 -6.90
N SER B 238 -5.51 -3.32 -6.40
CA SER B 238 -5.25 -3.51 -5.00
C SER B 238 -5.01 -2.16 -4.36
N GLY B 239 -4.90 -2.16 -3.05
CA GLY B 239 -4.43 -0.98 -2.34
C GLY B 239 -5.59 -0.15 -1.81
N THR B 240 -5.22 0.94 -1.15
CA THR B 240 -6.11 1.95 -0.50
C THR B 240 -7.31 1.25 0.14
N TYR B 241 -8.52 1.59 -0.26
CA TYR B 241 -9.72 1.00 0.32
C TYR B 241 -9.82 -0.51 0.21
N GLY B 242 -8.97 -1.11 -0.60
CA GLY B 242 -9.12 -2.52 -0.88
C GLY B 242 -8.16 -3.31 -0.03
N HIS B 243 -7.20 -3.99 -0.73
CA HIS B 243 -6.55 -5.19 -0.14
C HIS B 243 -5.17 -5.28 -0.60
N PRO B 244 -4.29 -6.07 0.09
CA PRO B 244 -2.90 -6.32 -0.33
C PRO B 244 -2.87 -6.97 -1.74
N ALA B 245 -1.79 -6.70 -2.45
CA ALA B 245 -1.61 -7.12 -3.81
C ALA B 245 -1.25 -8.61 -3.91
N THR B 246 -1.85 -9.28 -4.86
CA THR B 246 -1.62 -10.74 -4.99
C THR B 246 -0.13 -11.05 -5.24
N GLU B 247 0.48 -10.41 -6.25
CA GLU B 247 1.86 -10.68 -6.65
C GLU B 247 2.88 -10.32 -5.57
N SER B 248 2.60 -9.27 -4.84
CA SER B 248 3.48 -8.82 -3.75
C SER B 248 3.64 -9.89 -2.65
N LEU B 249 2.51 -10.45 -2.22
CA LEU B 249 2.50 -11.58 -1.30
C LEU B 249 3.13 -12.86 -1.92
N VAL B 250 2.77 -13.21 -3.16
CA VAL B 250 3.40 -14.32 -3.84
C VAL B 250 4.94 -14.29 -3.93
N ALA B 251 5.49 -13.13 -4.34
CA ALA B 251 6.92 -12.86 -4.33
C ALA B 251 7.53 -12.95 -2.95
N THR B 252 6.81 -12.44 -1.93
CA THR B 252 7.30 -12.49 -0.57
C THR B 252 7.44 -13.92 -0.03
N LEU B 253 6.51 -14.79 -0.41
CA LEU B 253 6.47 -16.19 0.01
C LEU B 253 7.30 -17.12 -0.88
N GLN B 254 7.78 -16.65 -2.04
CA GLN B 254 8.41 -17.55 -3.03
C GLN B 254 9.67 -18.10 -2.44
N GLY B 255 9.79 -19.43 -2.47
CA GLY B 255 10.94 -20.10 -1.90
C GLY B 255 11.02 -20.12 -0.38
N THR B 256 9.93 -19.73 0.31
CA THR B 256 9.85 -19.88 1.76
C THR B 256 9.07 -21.15 2.03
N GLY B 257 8.91 -21.51 3.30
CA GLY B 257 8.06 -22.65 3.64
C GLY B 257 6.61 -22.47 3.25
N TYR B 258 6.18 -21.22 3.08
CA TYR B 258 4.81 -20.89 2.68
C TYR B 258 4.57 -20.81 1.18
N ASP B 259 5.64 -20.92 0.39
CA ASP B 259 5.59 -20.79 -1.05
C ASP B 259 4.22 -21.19 -1.64
N THR B 260 3.49 -20.22 -2.16
CA THR B 260 2.15 -20.47 -2.74
C THR B 260 2.20 -21.25 -4.03
N GLY B 261 3.33 -21.20 -4.72
CA GLY B 261 3.50 -21.95 -5.96
C GLY B 261 2.82 -21.29 -7.15
N LEU B 262 2.40 -20.04 -6.95
CA LEU B 262 1.71 -19.27 -7.98
C LEU B 262 2.70 -18.55 -8.90
N ASP B 263 2.41 -18.55 -10.21
CA ASP B 263 3.33 -17.94 -11.15
C ASP B 263 3.21 -16.40 -11.23
N ILE B 264 4.25 -15.67 -10.80
CA ILE B 264 4.19 -14.22 -10.86
C ILE B 264 4.05 -13.67 -12.28
N ALA B 265 4.69 -14.27 -13.26
CA ALA B 265 4.59 -13.75 -14.63
C ALA B 265 3.16 -13.92 -15.18
N LYS B 266 2.52 -15.01 -14.82
CA LYS B 266 1.13 -15.24 -15.19
C LYS B 266 0.17 -14.25 -14.50
N LEU B 267 0.45 -13.97 -13.22
CA LEU B 267 -0.35 -13.03 -12.45
C LEU B 267 -0.22 -11.62 -13.02
N GLU B 268 1.01 -11.17 -13.28
CA GLU B 268 1.25 -9.86 -13.87
C GLU B 268 0.48 -9.62 -15.19
N GLN B 269 0.36 -10.66 -16.01
CA GLN B 269 -0.44 -10.53 -17.26
C GLN B 269 -1.89 -10.16 -16.98
N ILE B 270 -2.48 -10.81 -15.99
CA ILE B 270 -3.85 -10.54 -15.56
C ILE B 270 -3.90 -9.09 -15.04
N ALA B 271 -2.84 -8.67 -14.38
CA ALA B 271 -2.79 -7.33 -13.78
C ALA B 271 -2.69 -6.23 -14.82
N ALA B 272 -1.95 -6.51 -15.89
CA ALA B 272 -1.77 -5.56 -16.98
C ALA B 272 -3.13 -5.36 -17.63
N TYR B 273 -3.89 -6.45 -17.70
CA TYR B 273 -5.25 -6.41 -18.20
C TYR B 273 -6.12 -5.49 -17.35
N PHE B 274 -6.07 -5.68 -16.03
CA PHE B 274 -6.95 -4.95 -15.13
C PHE B 274 -6.58 -3.48 -14.98
N ARG B 275 -5.30 -3.17 -15.23
CA ARG B 275 -4.82 -1.80 -15.21
C ARG B 275 -5.60 -0.97 -16.23
N ASP B 276 -5.64 -1.44 -17.48
CA ASP B 276 -6.49 -0.82 -18.49
C ASP B 276 -7.96 -0.73 -18.06
N VAL B 277 -8.51 -1.86 -17.63
CA VAL B 277 -9.94 -1.93 -17.27
C VAL B 277 -10.31 -0.96 -16.17
N ARG B 278 -9.45 -0.86 -15.15
CA ARG B 278 -9.68 0.05 -14.02
C ARG B 278 -9.68 1.53 -14.49
N LYS B 279 -8.93 1.85 -15.55
CA LYS B 279 -8.93 3.19 -16.17
C LYS B 279 -10.34 3.64 -16.56
N LYS B 280 -11.05 2.74 -17.24
CA LYS B 280 -12.44 2.95 -17.64
C LYS B 280 -13.42 3.26 -16.52
N TYR B 281 -13.04 2.98 -15.27
CA TYR B 281 -13.94 3.17 -14.12
C TYR B 281 -13.49 4.29 -13.21
N HIS B 282 -12.62 5.16 -13.73
CA HIS B 282 -12.13 6.35 -13.01
C HIS B 282 -13.25 7.17 -12.33
N ALA B 283 -14.39 7.27 -13.01
CA ALA B 283 -15.58 7.98 -12.51
C ALA B 283 -15.97 7.61 -11.08
N PHE B 284 -15.78 6.33 -10.74
CA PHE B 284 -16.27 5.77 -9.48
C PHE B 284 -15.24 5.59 -8.37
N GLU B 285 -14.00 6.02 -8.65
CA GLU B 285 -12.88 5.95 -7.71
C GLU B 285 -13.06 6.91 -6.53
N GLY B 286 -12.62 6.51 -5.36
CA GLY B 286 -12.65 7.39 -4.19
C GLY B 286 -11.46 8.34 -4.21
N MET B 287 -11.38 9.22 -3.22
CA MET B 287 -10.40 10.32 -3.27
C MET B 287 -9.18 10.08 -2.38
N MET B 288 -9.16 8.96 -1.69
CA MET B 288 -8.09 8.73 -0.74
C MET B 288 -6.82 8.35 -1.49
N LYS B 289 -5.73 8.97 -1.05
CA LYS B 289 -4.39 8.65 -1.54
C LYS B 289 -3.54 8.25 -0.33
N GLY B 290 -2.80 7.15 -0.45
CA GLY B 290 -1.99 6.64 0.65
C GLY B 290 -2.76 5.70 1.56
N SER B 291 -2.67 5.95 2.86
CA SER B 291 -3.42 5.23 3.87
C SER B 291 -4.20 6.25 4.68
N ASP B 292 -5.25 5.77 5.35
CA ASP B 292 -6.10 6.61 6.20
C ASP B 292 -5.75 6.41 7.68
N ALA B 293 -5.00 7.38 8.22
CA ALA B 293 -4.49 7.31 9.59
C ALA B 293 -5.52 7.71 10.62
N ARG B 294 -6.65 8.25 10.16
CA ARG B 294 -7.75 8.55 11.06
C ARG B 294 -8.34 7.25 11.62
N ILE B 295 -8.37 6.20 10.83
CA ILE B 295 -8.82 4.91 11.33
C ILE B 295 -7.97 4.45 12.55
N LEU B 296 -6.68 4.83 12.58
CA LEU B 296 -5.74 4.34 13.58
C LEU B 296 -5.87 5.04 14.93
N VAL B 297 -6.51 6.19 14.94
CA VAL B 297 -6.62 7.01 16.16
C VAL B 297 -7.47 6.31 17.22
N ALA B 298 -8.59 5.72 16.81
CA ALA B 298 -9.55 5.13 17.74
C ALA B 298 -10.49 4.06 17.16
N GLN B 299 -10.13 3.55 15.99
CA GLN B 299 -10.76 2.36 15.38
C GLN B 299 -12.12 2.66 14.77
N VAL B 300 -12.36 3.90 14.37
CA VAL B 300 -13.59 4.24 13.66
C VAL B 300 -13.34 3.89 12.19
N PRO B 301 -14.13 2.94 11.64
CA PRO B 301 -13.95 2.64 10.22
C PRO B 301 -14.16 3.84 9.29
N GLY B 302 -13.46 3.85 8.17
CA GLY B 302 -13.50 4.97 7.21
C GLY B 302 -14.90 5.28 6.71
N GLY B 303 -15.63 4.22 6.34
CA GLY B 303 -17.00 4.33 5.86
C GLY B 303 -17.89 5.00 6.90
N MET B 304 -17.77 4.56 8.15
CA MET B 304 -18.50 5.14 9.28
C MET B 304 -18.26 6.64 9.42
N LEU B 305 -16.99 7.07 9.46
CA LEU B 305 -16.64 8.50 9.53
C LEU B 305 -17.24 9.27 8.37
N THR B 306 -16.92 8.84 7.15
CA THR B 306 -17.50 9.43 5.95
C THR B 306 -19.00 9.67 6.11
N ASN B 307 -19.70 8.66 6.59
CA ASN B 307 -21.15 8.74 6.76
C ASN B 307 -21.57 9.69 7.88
N MET B 308 -20.81 9.72 8.97
CA MET B 308 -21.16 10.64 10.06
C MET B 308 -20.92 12.09 9.66
N GLU B 309 -19.87 12.33 8.87
CA GLU B 309 -19.57 13.68 8.42
C GLU B 309 -20.59 14.21 7.40
N SER B 310 -21.10 13.33 6.54
CA SER B 310 -22.24 13.65 5.67
C SER B 310 -23.41 14.16 6.50
N GLN B 311 -23.88 13.31 7.42
CA GLN B 311 -24.99 13.62 8.31
C GLN B 311 -24.80 14.96 9.03
N LEU B 312 -23.59 15.21 9.52
CA LEU B 312 -23.29 16.44 10.26
C LEU B 312 -23.34 17.71 9.39
N LYS B 313 -22.84 17.59 8.15
CA LYS B 313 -22.80 18.71 7.21
C LYS B 313 -24.22 19.02 6.71
N GLN B 314 -24.99 17.96 6.46
CA GLN B 314 -26.41 18.06 6.08
C GLN B 314 -27.30 18.73 7.13
N GLN B 315 -26.77 18.94 8.33
CA GLN B 315 -27.62 19.23 9.48
C GLN B 315 -27.91 20.72 9.74
N ASN B 316 -26.93 21.57 10.06
CA ASN B 316 -25.53 21.23 10.30
C ASN B 316 -25.31 21.06 11.83
N ALA B 317 -24.08 21.05 12.35
CA ALA B 317 -22.85 21.46 11.68
C ALA B 317 -21.72 20.45 11.79
N LEU B 318 -20.64 20.72 11.06
CA LEU B 318 -19.48 19.85 10.98
C LEU B 318 -18.52 20.09 12.15
N ASP B 319 -18.65 21.25 12.81
CA ASP B 319 -17.78 21.59 13.93
C ASP B 319 -18.19 20.89 15.23
N LYS B 320 -19.14 19.96 15.13
CA LYS B 320 -19.52 19.11 16.27
C LYS B 320 -18.97 17.70 16.09
N LEU B 321 -18.03 17.55 15.14
CA LEU B 321 -17.45 16.24 14.79
C LEU B 321 -16.72 15.58 15.96
N ASP B 322 -15.85 16.32 16.64
CA ASP B 322 -15.13 15.79 17.80
C ASP B 322 -16.09 15.27 18.88
N LEU B 323 -17.18 16.02 19.12
CA LEU B 323 -18.20 15.60 20.09
C LEU B 323 -18.90 14.31 19.67
N VAL B 324 -19.26 14.20 18.40
CA VAL B 324 -19.81 12.96 17.84
C VAL B 324 -18.80 11.81 17.96
N LEU B 325 -17.52 12.09 17.74
CA LEU B 325 -16.45 11.09 17.86
C LEU B 325 -16.29 10.64 19.31
N GLU B 326 -16.41 11.58 20.25
CA GLU B 326 -16.39 11.27 21.69
C GLU B 326 -17.63 10.49 22.10
N GLU B 327 -18.72 10.72 21.37
CA GLU B 327 -20.02 10.08 21.62
C GLU B 327 -20.08 8.58 21.24
N ILE B 328 -19.43 8.21 20.13
CA ILE B 328 -19.40 6.80 19.66
C ILE B 328 -19.00 5.78 20.75
N PRO B 329 -17.80 5.96 21.38
CA PRO B 329 -17.36 5.04 22.43
C PRO B 329 -18.41 4.78 23.51
N ARG B 330 -19.13 5.84 23.88
CA ARG B 330 -20.14 5.78 24.93
C ARG B 330 -21.38 5.00 24.47
N VAL B 331 -21.83 5.30 23.25
CA VAL B 331 -22.97 4.64 22.62
C VAL B 331 -22.70 3.15 22.35
N ARG B 332 -21.50 2.85 21.85
CA ARG B 332 -21.14 1.47 21.52
C ARG B 332 -21.21 0.56 22.74
N GLU B 333 -20.69 1.04 23.87
CA GLU B 333 -20.80 0.34 25.15
C GLU B 333 -22.26 0.10 25.54
N GLU B 334 -23.03 1.19 25.53
CA GLU B 334 -24.43 1.15 25.91
C GLU B 334 -25.26 0.28 24.97
N LEU B 335 -24.64 -0.13 23.85
CA LEU B 335 -25.25 -1.03 22.87
C LEU B 335 -24.54 -2.39 22.82
N GLY B 336 -23.80 -2.71 23.88
CA GLY B 336 -23.21 -4.03 24.05
C GLY B 336 -21.95 -4.32 23.27
N PHE B 337 -21.22 -3.26 22.92
CA PHE B 337 -19.96 -3.37 22.18
C PHE B 337 -20.11 -4.14 20.85
N LEU B 338 -21.17 -3.82 20.12
CA LEU B 338 -21.40 -4.34 18.78
C LEU B 338 -20.25 -3.95 17.85
N PRO B 339 -19.70 -4.93 17.09
CA PRO B 339 -18.62 -4.62 16.15
C PRO B 339 -18.99 -3.43 15.27
N LEU B 340 -18.01 -2.58 14.96
CA LEU B 340 -18.21 -1.48 14.02
C LEU B 340 -17.98 -1.98 12.60
N VAL B 341 -19.04 -2.57 12.06
CA VAL B 341 -19.04 -3.32 10.82
C VAL B 341 -20.40 -3.05 10.18
N THR B 342 -20.44 -3.01 8.85
CA THR B 342 -21.67 -2.76 8.12
C THR B 342 -22.63 -3.97 8.25
N PRO B 343 -23.91 -3.69 8.53
CA PRO B 343 -24.59 -2.40 8.65
C PRO B 343 -24.73 -1.83 10.08
N THR B 344 -24.11 -2.46 11.06
CA THR B 344 -24.26 -2.03 12.46
C THR B 344 -23.51 -0.74 12.81
N SER B 345 -22.56 -0.35 11.97
CA SER B 345 -21.79 0.87 12.23
C SER B 345 -22.64 2.13 12.00
N GLN B 346 -23.45 2.11 10.95
CA GLN B 346 -24.36 3.22 10.68
C GLN B 346 -25.49 3.31 11.72
N ILE B 347 -25.77 2.21 12.43
CA ILE B 347 -26.70 2.23 13.55
C ILE B 347 -26.09 3.05 14.71
N VAL B 348 -24.82 2.79 14.99
CA VAL B 348 -24.10 3.49 16.08
C VAL B 348 -23.84 4.94 15.69
N GLY B 349 -23.28 5.13 14.49
CA GLY B 349 -22.96 6.45 13.96
C GLY B 349 -24.13 7.41 13.95
N THR B 350 -25.26 6.97 13.39
CA THR B 350 -26.48 7.78 13.32
C THR B 350 -27.03 8.18 14.70
N GLN B 351 -27.22 7.20 15.58
CA GLN B 351 -27.66 7.45 16.96
C GLN B 351 -26.74 8.46 17.66
N ALA B 352 -25.43 8.35 17.44
CA ALA B 352 -24.46 9.23 18.07
C ALA B 352 -24.57 10.67 17.55
N VAL B 353 -24.72 10.80 16.24
CA VAL B 353 -24.86 12.11 15.57
C VAL B 353 -26.11 12.82 16.12
N ILE B 354 -27.22 12.09 16.22
CA ILE B 354 -28.46 12.58 16.81
C ILE B 354 -28.25 13.09 18.24
N ASN B 355 -27.69 12.23 19.09
CA ASN B 355 -27.45 12.56 20.50
C ASN B 355 -26.74 13.89 20.71
N VAL B 356 -25.79 14.18 19.83
CA VAL B 356 -25.00 15.41 19.89
C VAL B 356 -25.78 16.61 19.33
N VAL B 357 -26.37 16.43 18.15
CA VAL B 357 -27.10 17.51 17.48
C VAL B 357 -28.30 18.00 18.30
N LEU B 358 -29.01 17.08 18.95
CA LEU B 358 -30.17 17.43 19.77
C LEU B 358 -29.75 18.11 21.07
N GLY B 359 -28.58 17.75 21.59
CA GLY B 359 -28.10 18.29 22.85
C GLY B 359 -28.50 17.45 24.04
N GLU B 360 -29.29 16.41 23.79
CA GLU B 360 -29.69 15.44 24.81
C GLU B 360 -29.49 14.00 24.32
N ARG B 361 -28.77 13.23 25.14
CA ARG B 361 -28.44 11.84 24.83
C ARG B 361 -29.69 10.98 24.93
N TYR B 362 -30.04 10.35 23.80
CA TYR B 362 -31.24 9.51 23.68
C TYR B 362 -32.54 10.28 23.91
N LYS B 363 -32.57 11.54 23.51
CA LYS B 363 -33.80 12.31 23.39
C LYS B 363 -34.66 11.56 22.39
N THR B 364 -34.02 11.13 21.31
CA THR B 364 -34.63 10.30 20.27
C THR B 364 -33.85 9.00 20.09
N ILE B 365 -34.55 7.87 20.21
CA ILE B 365 -33.99 6.55 19.93
C ILE B 365 -34.48 6.09 18.58
N THR B 366 -33.54 5.68 17.71
CA THR B 366 -33.88 5.24 16.36
C THR B 366 -34.48 3.83 16.32
N LYS B 367 -35.18 3.56 15.22
CA LYS B 367 -35.79 2.27 14.93
C LYS B 367 -34.73 1.15 15.01
N GLU B 368 -33.52 1.48 14.58
CA GLU B 368 -32.42 0.51 14.56
C GLU B 368 -31.76 0.33 15.93
N THR B 369 -31.69 1.41 16.71
CA THR B 369 -31.17 1.32 18.08
C THR B 369 -32.15 0.53 18.96
N SER B 370 -33.44 0.75 18.74
CA SER B 370 -34.50 -0.01 19.42
C SER B 370 -34.36 -1.50 19.15
N GLY B 371 -34.15 -1.84 17.87
CA GLY B 371 -33.96 -3.22 17.44
C GLY B 371 -32.77 -3.90 18.09
N VAL B 372 -31.70 -3.15 18.31
CA VAL B 372 -30.50 -3.65 18.98
C VAL B 372 -30.77 -3.86 20.47
N LEU B 373 -31.49 -2.92 21.07
CA LEU B 373 -31.88 -3.01 22.48
C LEU B 373 -32.88 -4.15 22.72
N LYS B 374 -33.77 -4.37 21.75
CA LYS B 374 -34.81 -5.40 21.86
C LYS B 374 -34.31 -6.84 21.60
N GLY B 375 -33.12 -6.97 21.03
CA GLY B 375 -32.56 -8.26 20.67
C GLY B 375 -33.07 -8.76 19.33
N GLU B 376 -33.58 -7.83 18.52
CA GLU B 376 -34.17 -8.15 17.22
C GLU B 376 -33.13 -8.50 16.16
N TYR B 377 -31.89 -8.08 16.38
CA TYR B 377 -30.77 -8.41 15.49
C TYR B 377 -30.06 -9.66 15.98
N GLY B 378 -30.11 -9.89 17.29
CA GLY B 378 -29.42 -11.01 17.95
C GLY B 378 -28.70 -10.60 19.22
N LYS B 379 -27.78 -11.44 19.66
CA LYS B 379 -27.04 -11.22 20.91
C LYS B 379 -25.86 -10.29 20.70
N THR B 380 -25.78 -9.24 21.52
CA THR B 380 -24.62 -8.35 21.55
C THR B 380 -23.48 -9.03 22.35
N PRO B 381 -22.21 -8.72 22.03
CA PRO B 381 -21.07 -9.32 22.78
C PRO B 381 -21.19 -9.16 24.30
N ALA B 382 -21.64 -8.00 24.76
CA ALA B 382 -21.94 -7.80 26.17
C ALA B 382 -23.37 -7.25 26.34
N PRO B 383 -24.04 -7.56 27.48
CA PRO B 383 -25.32 -6.95 27.84
C PRO B 383 -25.40 -5.45 27.50
N VAL B 384 -26.46 -5.06 26.80
CA VAL B 384 -26.70 -3.64 26.49
C VAL B 384 -26.98 -2.84 27.77
N ASN B 385 -27.21 -1.54 27.63
CA ASN B 385 -27.54 -0.69 28.78
C ASN B 385 -28.95 -0.97 29.32
N THR B 386 -29.00 -1.21 30.62
CA THR B 386 -30.24 -1.19 31.38
C THR B 386 -30.19 0.07 32.29
N GLU B 387 -31.24 0.87 32.34
CA GLU B 387 -32.49 0.63 31.64
C GLU B 387 -32.75 1.59 30.46
N LEU B 388 -31.90 1.49 29.44
CA LEU B 388 -32.23 2.04 28.13
C LEU B 388 -33.05 1.00 27.37
N GLN B 389 -32.67 -0.26 27.56
CA GLN B 389 -33.39 -1.41 27.01
C GLN B 389 -34.85 -1.46 27.47
N ALA B 390 -35.07 -1.22 28.76
CA ALA B 390 -36.41 -1.28 29.35
C ALA B 390 -37.27 -0.07 28.98
N ARG B 391 -36.62 1.00 28.52
CA ARG B 391 -37.33 2.20 28.07
C ARG B 391 -38.02 1.95 26.73
N VAL B 392 -37.54 0.95 26.01
CA VAL B 392 -37.96 0.71 24.63
C VAL B 392 -39.02 -0.37 24.46
N LEU B 393 -39.01 -1.38 25.33
CA LEU B 393 -39.88 -2.55 25.14
C LEU B 393 -41.37 -2.31 25.37
N ALA B 394 -41.75 -1.85 26.56
CA ALA B 394 -43.15 -1.50 26.86
C ALA B 394 -43.45 -1.00 28.29
N GLY B 395 -42.83 -1.54 29.34
CA GLY B 395 -41.76 -2.54 29.27
C GLY B 395 -42.20 -3.98 29.19
N ALA B 396 -41.79 -4.63 28.09
CA ALA B 396 -41.91 -6.06 27.90
C ALA B 396 -40.55 -6.69 28.19
N GLU B 397 -40.42 -7.99 27.96
CA GLU B 397 -39.13 -8.65 28.13
C GLU B 397 -38.41 -8.72 26.80
N ALA B 398 -37.09 -8.64 26.85
CA ALA B 398 -36.24 -8.66 25.67
C ALA B 398 -36.33 -9.99 24.91
N ILE B 399 -36.11 -9.92 23.59
CA ILE B 399 -36.00 -11.12 22.77
C ILE B 399 -34.63 -11.74 23.00
N THR B 400 -34.62 -13.01 23.38
CA THR B 400 -33.38 -13.71 23.72
C THR B 400 -33.13 -14.93 22.83
N CYS B 401 -33.92 -15.05 21.76
CA CYS B 401 -33.78 -16.16 20.81
C CYS B 401 -33.26 -15.72 19.43
N ARG B 402 -32.92 -16.72 18.61
CA ARG B 402 -32.60 -16.54 17.20
C ARG B 402 -33.83 -16.02 16.43
N PRO B 403 -33.71 -14.82 15.86
CA PRO B 403 -34.83 -14.12 15.20
C PRO B 403 -35.60 -14.93 14.14
N ALA B 404 -34.91 -15.78 13.37
CA ALA B 404 -35.57 -16.58 12.33
C ALA B 404 -36.52 -17.65 12.85
N ASP B 405 -36.54 -17.84 14.17
CA ASP B 405 -37.49 -18.74 14.85
C ASP B 405 -38.91 -18.19 14.75
N LEU B 406 -39.02 -16.87 14.65
CA LEU B 406 -40.29 -16.15 14.72
C LEU B 406 -40.87 -15.75 13.36
N ILE B 407 -40.12 -16.01 12.29
CA ILE B 407 -40.58 -15.64 10.94
C ILE B 407 -41.27 -16.85 10.30
N ALA B 408 -42.45 -16.62 9.72
CA ALA B 408 -43.20 -17.68 9.05
C ALA B 408 -42.65 -17.96 7.65
N ALA B 409 -42.80 -19.20 7.18
CA ALA B 409 -42.27 -19.64 5.89
C ALA B 409 -42.82 -18.80 4.72
N GLU B 410 -41.91 -18.32 3.87
CA GLU B 410 -42.28 -17.33 2.85
C GLU B 410 -42.38 -17.86 1.42
N MET B 411 -41.63 -18.90 1.11
CA MET B 411 -41.43 -19.32 -0.30
C MET B 411 -42.68 -19.70 -1.11
N PRO B 412 -43.61 -20.49 -0.53
CA PRO B 412 -44.84 -20.77 -1.27
C PRO B 412 -45.65 -19.51 -1.62
N THR B 413 -45.77 -18.60 -0.63
CA THR B 413 -46.60 -17.40 -0.81
C THR B 413 -45.88 -16.32 -1.65
N LEU B 414 -44.56 -16.43 -1.75
CA LEU B 414 -43.79 -15.54 -2.62
C LEU B 414 -43.79 -16.03 -4.07
N GLN B 415 -43.63 -17.34 -4.27
CA GLN B 415 -43.63 -17.93 -5.61
C GLN B 415 -44.93 -17.62 -6.37
N ASP B 416 -46.06 -17.78 -5.70
CA ASP B 416 -47.35 -17.46 -6.30
C ASP B 416 -47.51 -15.96 -6.59
N ARG B 417 -47.24 -15.14 -5.58
CA ARG B 417 -47.32 -13.68 -5.73
C ARG B 417 -46.51 -13.19 -6.94
N VAL B 418 -45.26 -13.63 -7.03
CA VAL B 418 -44.36 -13.25 -8.12
C VAL B 418 -44.86 -13.75 -9.48
N LEU B 419 -45.28 -15.02 -9.56
CA LEU B 419 -45.71 -15.61 -10.83
C LEU B 419 -46.94 -14.94 -11.43
N GLN B 420 -47.85 -14.49 -10.55
CA GLN B 420 -49.10 -13.85 -10.96
C GLN B 420 -48.89 -12.38 -11.35
N GLN B 421 -48.06 -11.67 -10.57
CA GLN B 421 -47.69 -10.30 -10.92
C GLN B 421 -46.85 -10.26 -12.21
N ALA B 422 -46.06 -11.31 -12.45
CA ALA B 422 -45.24 -11.41 -13.65
C ALA B 422 -46.05 -11.55 -14.94
N LYS B 423 -47.09 -12.37 -14.89
CA LYS B 423 -47.94 -12.64 -16.05
C LYS B 423 -48.90 -11.49 -16.35
N GLU B 424 -49.36 -10.83 -15.28
CA GLU B 424 -50.30 -9.71 -15.41
C GLU B 424 -49.61 -8.43 -15.88
N GLN B 425 -48.28 -8.38 -15.73
CA GLN B 425 -47.49 -7.23 -16.17
C GLN B 425 -46.62 -7.54 -17.40
N HIS B 426 -46.89 -8.70 -18.02
CA HIS B 426 -46.20 -9.13 -19.26
C HIS B 426 -44.69 -9.18 -19.10
N ILE B 427 -44.23 -9.68 -17.95
CA ILE B 427 -42.81 -9.77 -17.66
C ILE B 427 -42.34 -11.21 -17.77
N THR B 428 -41.47 -11.46 -18.73
CA THR B 428 -40.93 -12.80 -18.96
C THR B 428 -39.99 -13.19 -17.81
N LEU B 429 -40.25 -14.33 -17.20
CA LEU B 429 -39.40 -14.83 -16.13
C LEU B 429 -38.33 -15.77 -16.68
N ALA B 430 -37.40 -16.14 -15.81
CA ALA B 430 -36.26 -16.96 -16.18
C ALA B 430 -36.65 -18.42 -16.35
N GLU B 431 -35.80 -19.16 -17.06
CA GLU B 431 -35.93 -20.59 -17.25
C GLU B 431 -36.23 -21.29 -15.92
N ASN B 432 -35.45 -20.98 -14.89
CA ASN B 432 -35.79 -21.36 -13.51
C ASN B 432 -36.30 -20.12 -12.81
N ALA B 433 -37.62 -19.99 -12.76
CA ALA B 433 -38.31 -18.78 -12.29
C ALA B 433 -38.11 -18.49 -10.80
N ILE B 434 -37.67 -19.48 -10.04
CA ILE B 434 -37.46 -19.31 -8.60
C ILE B 434 -36.32 -18.31 -8.29
N ASP B 435 -35.40 -18.18 -9.24
CA ASP B 435 -34.29 -17.23 -9.15
C ASP B 435 -34.80 -15.77 -9.12
N ASP B 436 -35.78 -15.47 -9.98
CA ASP B 436 -36.43 -14.15 -10.00
C ASP B 436 -37.23 -13.92 -8.73
N VAL B 437 -37.89 -15.00 -8.26
CA VAL B 437 -38.66 -14.95 -7.04
C VAL B 437 -37.74 -14.61 -5.88
N LEU B 438 -36.51 -15.12 -5.95
CA LEU B 438 -35.43 -14.77 -5.01
C LEU B 438 -35.01 -13.31 -5.19
N THR B 439 -34.83 -12.89 -6.45
CA THR B 439 -34.45 -11.50 -6.78
C THR B 439 -35.46 -10.52 -6.17
N ILE B 440 -36.75 -10.84 -6.30
CA ILE B 440 -37.81 -10.00 -5.73
C ILE B 440 -37.88 -10.10 -4.20
N ALA B 441 -37.73 -11.31 -3.68
CA ALA B 441 -37.68 -11.52 -2.23
C ALA B 441 -36.66 -10.57 -1.59
N LEU B 442 -35.46 -10.57 -2.16
CA LEU B 442 -34.30 -9.82 -1.66
C LEU B 442 -34.32 -8.30 -1.86
N PHE B 443 -34.94 -7.85 -2.94
CA PHE B 443 -34.84 -6.43 -3.34
C PHE B 443 -36.14 -5.69 -3.64
N ASP B 444 -37.29 -6.37 -3.51
CA ASP B 444 -38.61 -5.74 -3.68
C ASP B 444 -38.68 -4.92 -4.98
N GLN B 445 -39.02 -3.63 -4.88
CA GLN B 445 -39.23 -2.74 -6.03
C GLN B 445 -38.08 -2.75 -7.04
N VAL B 446 -36.85 -2.68 -6.51
CA VAL B 446 -35.64 -2.60 -7.32
C VAL B 446 -35.59 -3.83 -8.23
N GLY B 447 -35.95 -4.98 -7.66
CA GLY B 447 -36.03 -6.25 -8.39
C GLY B 447 -37.07 -6.19 -9.49
N TRP B 448 -38.27 -5.75 -9.13
CA TRP B 448 -39.34 -5.57 -10.11
C TRP B 448 -38.94 -4.66 -11.27
N LYS B 449 -38.32 -3.53 -10.94
CA LYS B 449 -37.82 -2.58 -11.93
C LYS B 449 -36.88 -3.26 -12.94
N PHE B 450 -35.98 -4.10 -12.43
CA PHE B 450 -35.03 -4.80 -13.29
C PHE B 450 -35.66 -5.87 -14.17
N LEU B 451 -36.50 -6.71 -13.56
CA LEU B 451 -37.26 -7.74 -14.29
C LEU B 451 -38.12 -7.14 -15.41
N ALA B 452 -38.73 -5.98 -15.14
CA ALA B 452 -39.58 -5.28 -16.11
C ALA B 452 -38.78 -4.73 -17.31
N ASN B 453 -37.49 -4.48 -17.12
CA ASN B 453 -36.63 -3.91 -18.18
C ASN B 453 -35.55 -4.87 -18.72
N ARG B 454 -35.49 -6.09 -18.18
CA ARG B 454 -34.44 -7.06 -18.50
C ARG B 454 -34.32 -7.38 -19.99
#